data_1QLV
#
_entry.id   1QLV
#
_cell.length_a   82.140
_cell.length_b   82.140
_cell.length_c   241.325
_cell.angle_alpha   90.00
_cell.angle_beta   90.00
_cell.angle_gamma   120.00
#
_symmetry.space_group_name_H-M   'P 31 2 1'
#
loop_
_entity.id
_entity.type
_entity.pdbx_description
1 polymer 'PYRONE SYNTHASE'
2 water water
#
_entity_poly.entity_id   1
_entity_poly.type   'polypeptide(L)'
_entity_poly.pdbx_seq_one_letter_code
;MGSYSSDDVEVIREAGRAQGLATILAIGTATPPNCVAQADYADYYFRVTKSEHMVDLKEKFKRICEKTAIKKRYLALTED
YLQENPTMCEFMAPSLNARQDLVVTGVPMLGKEAAVKAIDEWGLPKSKITHLIFCTTAGVDMPGADYQLVKLLGLSPSVK
RYMLYQQG(CSD)AAGGTVLRLAKDLAENNKGSRVLIVCSEITAILFHGPNENHLDSLVAQALFGDGAAALIVGSGPHLA
VERPIFEIVSTDQTILPDTEKAMKLHLREGGLTFQLHRDVPLMVAKNIENAAEKALSPLGITDWNSVFWMVHPGGRAILD
QVERKLNLKEDKLRASRHVLSEYGNLISACVLFIIDEVRKRSMAEGKSTTGEGLDCGVLFGFGPGMTVETVVLRSVRVTA
AVANGN
;
_entity_poly.pdbx_strand_id   A,B
#
# COMPACT_ATOMS: atom_id res chain seq x y z
N ALA A 18 -2.53 16.35 -17.66
CA ALA A 18 -1.32 16.10 -18.43
C ALA A 18 -1.58 16.22 -19.93
N GLN A 19 -1.31 15.10 -20.58
CA GLN A 19 -1.25 14.96 -22.03
C GLN A 19 -2.16 13.85 -22.53
N GLY A 20 -1.79 13.14 -23.61
CA GLY A 20 -2.56 11.98 -24.03
C GLY A 20 -2.40 10.85 -23.02
N LEU A 21 -2.57 9.61 -23.43
CA LEU A 21 -2.53 8.44 -22.58
C LEU A 21 -1.19 8.20 -21.88
N ALA A 22 -1.29 7.71 -20.65
CA ALA A 22 -0.11 7.24 -19.95
C ALA A 22 0.59 6.25 -20.87
N THR A 23 1.90 6.43 -21.03
CA THR A 23 2.66 5.62 -21.99
C THR A 23 3.87 4.98 -21.32
N ILE A 24 4.03 3.68 -21.51
CA ILE A 24 5.21 2.96 -21.01
C ILE A 24 6.39 3.32 -21.91
N LEU A 25 7.47 3.89 -21.35
CA LEU A 25 8.59 4.40 -22.13
C LEU A 25 9.87 3.61 -21.93
N ALA A 26 9.90 2.75 -20.92
CA ALA A 26 11.09 1.92 -20.67
C ALA A 26 10.72 0.76 -19.77
N ILE A 27 11.38 -0.38 -19.89
CA ILE A 27 11.18 -1.39 -18.84
C ILE A 27 12.46 -2.18 -18.60
N GLY A 28 12.72 -2.45 -17.32
CA GLY A 28 13.86 -3.23 -16.88
C GLY A 28 13.47 -4.36 -15.95
N THR A 29 14.18 -5.48 -16.05
CA THR A 29 13.86 -6.61 -15.18
C THR A 29 15.14 -7.13 -14.52
N ALA A 30 15.03 -7.68 -13.32
CA ALA A 30 16.14 -8.25 -12.58
C ALA A 30 15.67 -9.47 -11.81
N THR A 31 16.61 -10.33 -11.45
CA THR A 31 16.29 -11.54 -10.67
C THR A 31 17.45 -11.80 -9.73
N PRO A 32 17.27 -12.57 -8.67
CA PRO A 32 18.43 -12.99 -7.88
C PRO A 32 19.33 -13.83 -8.78
N PRO A 33 20.62 -13.91 -8.47
CA PRO A 33 21.55 -14.69 -9.29
C PRO A 33 21.44 -16.20 -9.17
N ASN A 34 21.00 -16.69 -8.03
CA ASN A 34 20.84 -18.11 -7.68
C ASN A 34 19.61 -18.69 -8.36
N CYS A 35 19.85 -19.57 -9.31
CA CYS A 35 18.85 -20.21 -10.15
C CYS A 35 18.64 -21.66 -9.73
N VAL A 36 17.43 -22.20 -9.85
CA VAL A 36 17.21 -23.61 -9.52
C VAL A 36 16.37 -24.29 -10.59
N ALA A 37 16.89 -25.38 -11.14
CA ALA A 37 16.13 -26.13 -12.14
C ALA A 37 14.92 -26.78 -11.50
N GLN A 38 13.73 -26.55 -12.05
CA GLN A 38 12.50 -27.09 -11.46
C GLN A 38 12.60 -28.60 -11.32
N ALA A 39 13.24 -29.19 -12.33
CA ALA A 39 13.45 -30.62 -12.43
C ALA A 39 14.16 -31.18 -11.20
N ASP A 40 14.95 -30.33 -10.55
CA ASP A 40 15.72 -30.71 -9.37
C ASP A 40 15.13 -30.16 -8.09
N TYR A 41 14.07 -29.36 -8.23
CA TYR A 41 13.56 -28.69 -7.04
C TYR A 41 13.01 -29.63 -5.97
N ALA A 42 12.25 -30.67 -6.31
CA ALA A 42 11.72 -31.55 -5.26
C ALA A 42 12.84 -32.15 -4.42
N ASP A 43 13.91 -32.61 -5.09
CA ASP A 43 15.08 -33.13 -4.39
C ASP A 43 15.73 -32.06 -3.53
N TYR A 44 15.98 -30.90 -4.14
CA TYR A 44 16.56 -29.80 -3.37
C TYR A 44 15.71 -29.46 -2.15
N TYR A 45 14.40 -29.36 -2.40
CA TYR A 45 13.45 -28.94 -1.37
C TYR A 45 13.38 -29.91 -0.21
N PHE A 46 13.11 -31.19 -0.49
CA PHE A 46 12.94 -32.16 0.58
C PHE A 46 14.25 -32.48 1.29
N ARG A 47 15.36 -32.21 0.61
CA ARG A 47 16.66 -32.45 1.24
C ARG A 47 17.02 -31.30 2.17
N VAL A 48 16.79 -30.05 1.75
CA VAL A 48 17.13 -28.95 2.66
C VAL A 48 16.17 -28.91 3.84
N THR A 49 14.93 -29.35 3.62
CA THR A 49 14.00 -29.32 4.76
C THR A 49 14.12 -30.62 5.55
N LYS A 50 15.07 -31.45 5.15
CA LYS A 50 15.30 -32.73 5.82
C LYS A 50 13.98 -33.49 5.95
N SER A 51 13.23 -33.53 4.84
CA SER A 51 11.93 -34.19 4.88
C SER A 51 11.93 -35.44 4.01
N GLU A 52 13.13 -36.00 3.93
CA GLU A 52 13.48 -37.17 3.13
C GLU A 52 12.55 -38.35 3.36
N HIS A 53 12.27 -38.65 4.63
CA HIS A 53 11.37 -39.76 4.96
C HIS A 53 9.98 -39.57 4.36
N MET A 54 9.60 -38.37 3.92
CA MET A 54 8.25 -38.19 3.37
C MET A 54 8.22 -38.56 1.88
N VAL A 55 8.64 -39.78 1.58
CA VAL A 55 8.75 -40.28 0.21
C VAL A 55 7.44 -40.12 -0.55
N ASP A 56 6.33 -40.46 0.11
CA ASP A 56 5.04 -40.33 -0.55
C ASP A 56 4.83 -38.88 -0.98
N LEU A 57 4.86 -38.01 0.03
CA LEU A 57 4.67 -36.58 -0.18
C LEU A 57 5.73 -36.03 -1.13
N LYS A 58 6.94 -36.56 -0.97
CA LYS A 58 8.00 -36.19 -1.91
C LYS A 58 7.57 -36.57 -3.33
N GLU A 59 7.00 -37.77 -3.44
CA GLU A 59 6.51 -38.15 -4.77
C GLU A 59 5.44 -37.18 -5.26
N LYS A 60 4.52 -36.85 -4.35
CA LYS A 60 3.43 -35.92 -4.64
C LYS A 60 3.96 -34.59 -5.16
N PHE A 61 4.98 -34.08 -4.45
CA PHE A 61 5.57 -32.80 -4.79
C PHE A 61 6.26 -32.89 -6.15
N LYS A 62 6.89 -34.04 -6.44
CA LYS A 62 7.52 -34.12 -7.77
C LYS A 62 6.47 -33.98 -8.86
N ARG A 63 5.30 -34.60 -8.65
CA ARG A 63 4.25 -34.50 -9.65
C ARG A 63 3.81 -33.05 -9.82
N ILE A 64 3.64 -32.35 -8.69
CA ILE A 64 3.30 -30.94 -8.78
C ILE A 64 4.39 -30.17 -9.53
N CYS A 65 5.67 -30.42 -9.22
CA CYS A 65 6.69 -29.63 -9.92
C CYS A 65 6.61 -29.88 -11.42
N GLU A 66 6.36 -31.13 -11.77
CA GLU A 66 6.28 -31.57 -13.16
C GLU A 66 5.22 -30.77 -13.92
N LYS A 67 4.01 -30.75 -13.38
CA LYS A 67 2.88 -30.08 -14.02
C LYS A 67 2.96 -28.56 -14.00
N THR A 68 3.90 -27.94 -13.30
CA THR A 68 3.91 -26.47 -13.24
C THR A 68 4.17 -25.79 -14.59
N ALA A 69 4.85 -26.46 -15.52
CA ALA A 69 5.19 -25.82 -16.78
C ALA A 69 6.23 -24.72 -16.55
N ILE A 70 6.99 -24.87 -15.48
CA ILE A 70 8.08 -24.02 -15.03
C ILE A 70 9.42 -24.75 -15.18
N LYS A 71 10.44 -24.19 -15.81
CA LYS A 71 11.71 -24.90 -15.95
C LYS A 71 12.74 -24.47 -14.92
N LYS A 72 12.69 -23.20 -14.54
CA LYS A 72 13.62 -22.75 -13.51
C LYS A 72 13.06 -21.51 -12.82
N ARG A 73 13.59 -21.24 -11.65
CA ARG A 73 13.24 -20.08 -10.84
C ARG A 73 14.51 -19.47 -10.23
N TYR A 74 14.55 -18.16 -10.12
CA TYR A 74 15.62 -17.48 -9.40
C TYR A 74 15.20 -17.23 -7.97
N LEU A 75 16.04 -17.54 -6.98
CA LEU A 75 15.62 -17.40 -5.59
C LEU A 75 16.67 -16.73 -4.70
N ALA A 76 16.24 -15.69 -4.00
CA ALA A 76 17.09 -14.99 -3.05
C ALA A 76 17.33 -15.83 -1.80
N LEU A 77 16.40 -16.73 -1.50
CA LEU A 77 16.54 -17.65 -0.39
C LEU A 77 17.65 -18.66 -0.70
N THR A 78 18.67 -18.74 0.14
CA THR A 78 19.72 -19.73 -0.08
C THR A 78 19.67 -20.82 0.97
N GLU A 79 20.27 -21.97 0.65
CA GLU A 79 20.25 -23.06 1.63
C GLU A 79 21.09 -22.69 2.85
N ASP A 80 22.11 -21.84 2.75
CA ASP A 80 22.79 -21.59 4.02
C ASP A 80 22.02 -20.57 4.86
N TYR A 81 21.18 -19.74 4.24
CA TYR A 81 20.33 -18.87 5.05
C TYR A 81 19.34 -19.75 5.82
N LEU A 82 18.86 -20.76 5.11
CA LEU A 82 17.96 -21.75 5.68
C LEU A 82 18.54 -22.54 6.83
N GLN A 83 19.75 -23.09 6.63
CA GLN A 83 20.30 -23.93 7.71
C GLN A 83 20.78 -23.02 8.85
N GLU A 84 20.83 -21.72 8.59
CA GLU A 84 21.14 -20.70 9.58
C GLU A 84 19.87 -20.23 10.29
N ASN A 85 18.73 -20.33 9.61
CA ASN A 85 17.45 -19.96 10.24
C ASN A 85 16.44 -21.10 10.08
N PRO A 86 16.73 -22.19 10.77
CA PRO A 86 16.07 -23.47 10.59
C PRO A 86 14.57 -23.43 10.85
N THR A 87 14.08 -22.53 11.69
CA THR A 87 12.63 -22.51 11.92
C THR A 87 11.87 -22.21 10.65
N MET A 88 12.52 -21.61 9.65
CA MET A 88 11.84 -21.32 8.38
C MET A 88 11.46 -22.64 7.71
N CYS A 89 12.26 -23.66 8.05
CA CYS A 89 12.12 -24.99 7.53
C CYS A 89 11.02 -25.78 8.23
N GLU A 90 10.86 -25.48 9.51
CA GLU A 90 9.79 -26.10 10.29
C GLU A 90 8.49 -25.93 9.52
N PHE A 91 7.58 -26.88 9.65
CA PHE A 91 6.34 -26.93 8.87
C PHE A 91 5.30 -25.96 9.46
N MET A 92 5.74 -25.24 10.49
CA MET A 92 5.19 -24.11 11.19
C MET A 92 5.80 -24.01 12.59
N ALA A 93 6.49 -22.92 12.79
CA ALA A 93 7.32 -22.41 13.84
C ALA A 93 7.59 -20.92 13.57
N PRO A 94 7.93 -20.17 14.61
CA PRO A 94 8.13 -18.73 14.45
C PRO A 94 9.37 -18.44 13.62
N SER A 95 9.20 -17.73 12.51
CA SER A 95 10.25 -17.48 11.55
C SER A 95 10.12 -16.14 10.84
N LEU A 96 9.13 -15.33 11.22
CA LEU A 96 8.91 -14.09 10.50
C LEU A 96 10.12 -13.16 10.59
N ASN A 97 10.75 -13.10 11.76
CA ASN A 97 11.93 -12.26 11.93
C ASN A 97 12.98 -12.60 10.89
N ALA A 98 13.30 -13.88 10.76
CA ALA A 98 14.28 -14.33 9.77
C ALA A 98 13.87 -13.97 8.35
N ARG A 99 12.58 -14.12 8.04
CA ARG A 99 12.15 -13.81 6.67
C ARG A 99 12.22 -12.32 6.42
N GLN A 100 11.73 -11.57 7.41
CA GLN A 100 11.81 -10.11 7.34
C GLN A 100 13.27 -9.70 7.15
N ASP A 101 14.18 -10.35 7.88
CA ASP A 101 15.59 -9.96 7.84
C ASP A 101 16.13 -10.02 6.41
N LEU A 102 15.71 -11.05 5.69
CA LEU A 102 15.99 -11.20 4.27
C LEU A 102 15.27 -10.15 3.45
N VAL A 103 13.93 -10.08 3.52
CA VAL A 103 13.19 -9.41 2.45
C VAL A 103 13.16 -7.90 2.64
N VAL A 104 13.34 -7.44 3.88
CA VAL A 104 13.27 -5.99 4.08
C VAL A 104 14.42 -5.31 3.37
N THR A 105 15.56 -6.00 3.29
CA THR A 105 16.70 -5.54 2.52
C THR A 105 16.61 -5.94 1.06
N GLY A 106 16.22 -7.17 0.81
CA GLY A 106 16.32 -7.74 -0.51
C GLY A 106 15.35 -7.22 -1.54
N VAL A 107 14.14 -6.88 -1.08
CA VAL A 107 13.11 -6.41 -2.02
C VAL A 107 13.51 -5.08 -2.64
N PRO A 108 13.90 -4.07 -1.88
CA PRO A 108 14.33 -2.82 -2.53
C PRO A 108 15.65 -2.96 -3.29
N MET A 109 16.57 -3.84 -2.86
CA MET A 109 17.83 -3.98 -3.61
C MET A 109 17.55 -4.64 -4.95
N LEU A 110 16.74 -5.71 -4.92
CA LEU A 110 16.37 -6.33 -6.20
C LEU A 110 15.63 -5.34 -7.08
N GLY A 111 14.73 -4.55 -6.51
CA GLY A 111 14.02 -3.54 -7.25
C GLY A 111 14.94 -2.46 -7.78
N LYS A 112 15.97 -2.11 -7.00
CA LYS A 112 16.91 -1.10 -7.50
C LYS A 112 17.58 -1.62 -8.76
N GLU A 113 17.94 -2.91 -8.70
CA GLU A 113 18.61 -3.53 -9.85
C GLU A 113 17.71 -3.42 -11.07
N ALA A 114 16.41 -3.67 -10.93
CA ALA A 114 15.58 -3.51 -12.13
C ALA A 114 15.43 -2.05 -12.52
N ALA A 115 15.34 -1.11 -11.58
CA ALA A 115 15.11 0.28 -11.93
C ALA A 115 16.27 0.94 -12.66
N VAL A 116 17.48 0.53 -12.32
CA VAL A 116 18.65 1.08 -13.01
C VAL A 116 18.57 0.75 -14.49
N LYS A 117 18.20 -0.49 -14.80
CA LYS A 117 18.01 -0.94 -16.18
C LYS A 117 16.91 -0.20 -16.91
N ALA A 118 15.80 0.05 -16.21
CA ALA A 118 14.75 0.83 -16.85
C ALA A 118 15.23 2.25 -17.10
N ILE A 119 15.88 2.87 -16.11
CA ILE A 119 16.31 4.26 -16.28
C ILE A 119 17.39 4.38 -17.34
N ASP A 120 18.29 3.40 -17.36
CA ASP A 120 19.27 3.33 -18.43
C ASP A 120 18.59 3.22 -19.78
N GLU A 121 17.59 2.36 -19.94
CA GLU A 121 16.93 2.33 -21.25
C GLU A 121 16.29 3.69 -21.52
N TRP A 122 15.68 4.28 -20.50
CA TRP A 122 14.98 5.56 -20.63
C TRP A 122 15.93 6.62 -21.18
N GLY A 123 17.07 6.72 -20.48
CA GLY A 123 18.16 7.58 -20.85
C GLY A 123 18.08 8.98 -20.30
N LEU A 124 16.95 9.39 -19.71
CA LEU A 124 16.83 10.76 -19.17
C LEU A 124 17.30 10.83 -17.73
N PRO A 125 17.55 12.02 -17.20
CA PRO A 125 18.03 12.15 -15.82
C PRO A 125 17.04 11.63 -14.77
N LYS A 126 17.56 10.92 -13.78
CA LYS A 126 16.90 10.42 -12.59
C LYS A 126 16.00 11.48 -11.95
N SER A 127 16.57 12.69 -11.96
CA SER A 127 15.95 13.86 -11.39
C SER A 127 14.58 14.17 -11.99
N LYS A 128 14.30 13.62 -13.17
CA LYS A 128 13.02 13.91 -13.81
C LYS A 128 11.95 12.94 -13.34
N ILE A 129 12.31 11.97 -12.50
CA ILE A 129 11.28 11.06 -12.00
C ILE A 129 10.49 11.72 -10.89
N THR A 130 9.19 11.94 -11.12
CA THR A 130 8.38 12.73 -10.20
C THR A 130 7.57 11.91 -9.21
N HIS A 131 7.27 10.67 -9.56
CA HIS A 131 6.47 9.76 -8.78
C HIS A 131 7.09 8.36 -8.78
N LEU A 132 7.05 7.71 -7.62
CA LEU A 132 7.51 6.34 -7.47
C LEU A 132 6.35 5.49 -6.95
N ILE A 133 6.00 4.45 -7.69
CA ILE A 133 5.15 3.41 -7.14
C ILE A 133 6.03 2.19 -6.84
N PHE A 134 6.12 1.82 -5.57
CA PHE A 134 6.80 0.60 -5.18
C PHE A 134 5.77 -0.48 -4.82
N CYS A 135 5.83 -1.62 -5.50
CA CYS A 135 4.89 -2.68 -5.16
C CYS A 135 5.59 -3.98 -4.82
N THR A 136 5.17 -4.61 -3.72
CA THR A 136 5.64 -5.92 -3.31
C THR A 136 4.56 -6.69 -2.52
N THR A 137 4.81 -7.96 -2.29
CA THR A 137 4.02 -8.90 -1.51
C THR A 137 4.89 -9.53 -0.42
N ALA A 138 6.16 -9.14 -0.37
CA ALA A 138 7.12 -9.78 0.53
C ALA A 138 7.67 -8.83 1.58
N GLY A 139 7.11 -8.94 2.78
CA GLY A 139 7.58 -8.18 3.93
C GLY A 139 7.06 -6.77 3.93
N VAL A 140 7.20 -6.08 5.06
CA VAL A 140 6.89 -4.68 5.26
C VAL A 140 7.87 -4.09 6.26
N ASP A 141 8.06 -2.78 6.19
CA ASP A 141 8.98 -2.10 7.12
C ASP A 141 8.63 -0.62 7.19
N MET A 142 8.98 0.07 8.26
CA MET A 142 8.79 1.52 8.27
C MET A 142 10.14 2.16 8.61
N PRO A 143 10.74 3.02 7.78
CA PRO A 143 10.27 3.45 6.47
C PRO A 143 10.23 2.31 5.44
N GLY A 144 9.39 2.47 4.44
CA GLY A 144 9.06 1.41 3.51
C GLY A 144 10.12 1.17 2.46
N ALA A 145 9.86 0.16 1.64
CA ALA A 145 10.73 -0.20 0.54
C ALA A 145 10.88 0.97 -0.43
N ASP A 146 9.89 1.84 -0.45
CA ASP A 146 9.88 3.02 -1.31
C ASP A 146 10.98 3.99 -0.87
N TYR A 147 11.06 4.20 0.43
CA TYR A 147 12.08 5.08 1.00
C TYR A 147 13.43 4.51 0.59
N GLN A 148 13.63 3.22 0.89
CA GLN A 148 14.90 2.58 0.65
C GLN A 148 15.34 2.74 -0.81
N LEU A 149 14.39 2.57 -1.70
CA LEU A 149 14.62 2.69 -3.13
C LEU A 149 15.10 4.07 -3.52
N VAL A 150 14.44 5.13 -3.01
CA VAL A 150 14.91 6.44 -3.50
C VAL A 150 16.32 6.68 -2.95
N LYS A 151 16.66 6.03 -1.83
CA LYS A 151 18.01 6.25 -1.29
C LYS A 151 19.02 5.47 -2.12
N LEU A 152 18.71 4.22 -2.42
CA LEU A 152 19.53 3.39 -3.29
C LEU A 152 19.78 4.01 -4.66
N LEU A 153 18.77 4.62 -5.26
CA LEU A 153 18.90 5.19 -6.58
C LEU A 153 19.31 6.66 -6.57
N GLY A 154 19.26 7.33 -5.42
CA GLY A 154 19.47 8.77 -5.41
C GLY A 154 18.36 9.51 -6.14
N LEU A 155 17.12 9.05 -5.97
CA LEU A 155 15.97 9.79 -6.50
C LEU A 155 15.78 11.09 -5.74
N SER A 156 15.01 12.04 -6.29
CA SER A 156 14.74 13.27 -5.57
C SER A 156 14.02 13.05 -4.25
N PRO A 157 14.47 13.71 -3.18
CA PRO A 157 13.81 13.62 -1.89
C PRO A 157 12.32 13.94 -1.95
N SER A 158 11.95 14.77 -2.92
N SER A 158 11.94 14.77 -2.92
CA SER A 158 10.56 15.20 -3.03
CA SER A 158 10.57 15.22 -3.05
C SER A 158 9.80 14.38 -4.05
C SER A 158 9.80 14.36 -4.05
N VAL A 159 10.35 13.23 -4.45
CA VAL A 159 9.59 12.34 -5.32
C VAL A 159 8.31 11.88 -4.61
N LYS A 160 7.20 11.79 -5.32
CA LYS A 160 5.92 11.42 -4.70
C LYS A 160 5.77 9.90 -4.67
N ARG A 161 5.67 9.32 -3.47
CA ARG A 161 5.69 7.86 -3.35
C ARG A 161 4.34 7.23 -3.04
N TYR A 162 4.15 6.03 -3.57
CA TYR A 162 3.00 5.14 -3.47
C TYR A 162 3.52 3.76 -3.09
N MET A 163 3.45 3.50 -1.79
CA MET A 163 3.98 2.27 -1.21
C MET A 163 2.84 1.27 -1.04
N LEU A 164 2.88 0.35 -1.98
CA LEU A 164 1.98 -0.77 -2.19
C LEU A 164 2.54 -2.04 -1.57
N TYR A 165 2.10 -2.34 -0.35
CA TYR A 165 2.50 -3.54 0.38
C TYR A 165 1.45 -4.66 0.33
N GLN A 166 1.90 -5.90 0.52
CA GLN A 166 1.05 -7.08 0.58
C GLN A 166 0.04 -7.14 -0.54
N GLN A 167 0.46 -6.91 -1.78
CA GLN A 167 -0.44 -6.64 -2.88
C GLN A 167 -0.95 -7.86 -3.63
N GLY A 168 -0.06 -8.78 -3.98
CA GLY A 168 -0.48 -10.00 -4.64
C GLY A 168 -0.42 -10.03 -6.13
N CSD A 169 -0.82 -11.19 -6.69
CA CSD A 169 -0.77 -11.64 -7.94
CB CSD A 169 -0.93 -12.94 -8.34
SG CSD A 169 0.03 -14.28 -7.62
C CSD A 169 -1.48 -10.84 -8.91
O CSD A 169 -1.27 -10.93 -10.16
OD1 CSD A 169 -0.22 -14.36 -6.12
OD2 CSD A 169 -0.47 -15.74 -8.30
N ALA A 170 -2.35 -9.90 -8.51
CA ALA A 170 -2.97 -9.08 -9.54
C ALA A 170 -2.35 -7.69 -9.60
N ALA A 171 -1.35 -7.41 -8.76
CA ALA A 171 -0.93 -6.02 -8.61
C ALA A 171 -0.09 -5.52 -9.77
N GLY A 172 0.30 -6.42 -10.67
CA GLY A 172 0.94 -5.92 -11.89
C GLY A 172 0.01 -5.02 -12.67
N GLY A 173 -1.29 -5.32 -12.53
CA GLY A 173 -2.26 -4.44 -13.19
C GLY A 173 -2.54 -3.24 -12.30
N THR A 174 -2.50 -3.45 -10.99
CA THR A 174 -2.73 -2.33 -10.07
C THR A 174 -1.74 -1.20 -10.36
N VAL A 175 -0.44 -1.50 -10.40
CA VAL A 175 0.52 -0.41 -10.64
C VAL A 175 0.28 0.30 -11.96
N LEU A 176 -0.13 -0.41 -13.00
CA LEU A 176 -0.44 0.26 -14.27
C LEU A 176 -1.65 1.17 -14.11
N ARG A 177 -2.68 0.65 -13.44
CA ARG A 177 -3.87 1.48 -13.23
C ARG A 177 -3.57 2.75 -12.44
N LEU A 178 -2.73 2.65 -11.41
CA LEU A 178 -2.36 3.83 -10.64
C LEU A 178 -1.41 4.76 -11.40
N ALA A 179 -0.42 4.20 -12.08
CA ALA A 179 0.50 4.99 -12.89
C ALA A 179 -0.24 5.81 -13.93
N LYS A 180 -1.26 5.18 -14.52
CA LYS A 180 -2.04 5.86 -15.54
C LYS A 180 -2.61 7.19 -15.06
N ASP A 181 -3.24 7.22 -13.89
CA ASP A 181 -3.84 8.47 -13.41
C ASP A 181 -2.79 9.44 -12.92
N LEU A 182 -1.69 8.95 -12.32
CA LEU A 182 -0.70 9.96 -11.89
C LEU A 182 -0.10 10.71 -13.07
N ALA A 183 0.27 9.90 -14.06
CA ALA A 183 0.92 10.40 -15.26
C ALA A 183 -0.03 11.29 -16.07
N GLU A 184 -1.29 10.87 -16.20
CA GLU A 184 -2.21 11.72 -16.94
C GLU A 184 -2.68 12.94 -16.20
N ASN A 185 -2.69 12.96 -14.86
CA ASN A 185 -3.19 14.17 -14.21
C ASN A 185 -2.08 15.15 -13.90
N ASN A 186 -0.82 14.76 -14.07
CA ASN A 186 0.29 15.64 -13.71
C ASN A 186 1.15 15.96 -14.92
N LYS A 187 0.97 17.15 -15.46
CA LYS A 187 1.68 17.60 -16.66
C LYS A 187 3.18 17.33 -16.56
N GLY A 188 3.72 16.56 -17.50
CA GLY A 188 5.16 16.36 -17.53
C GLY A 188 5.71 15.50 -16.42
N SER A 189 4.85 14.80 -15.69
CA SER A 189 5.33 13.87 -14.66
C SER A 189 5.88 12.58 -15.26
N ARG A 190 6.85 11.99 -14.57
CA ARG A 190 7.36 10.70 -15.04
C ARG A 190 7.33 9.76 -13.84
N VAL A 191 6.62 8.66 -14.02
CA VAL A 191 6.38 7.71 -12.95
C VAL A 191 7.34 6.53 -13.05
N LEU A 192 7.95 6.20 -11.93
CA LEU A 192 8.74 4.99 -11.85
C LEU A 192 7.91 3.96 -11.07
N ILE A 193 7.65 2.84 -11.73
CA ILE A 193 7.02 1.66 -11.24
C ILE A 193 8.06 0.59 -10.89
N VAL A 194 8.05 0.17 -9.63
CA VAL A 194 8.84 -0.98 -9.27
C VAL A 194 7.99 -2.02 -8.55
N CYS A 195 7.94 -3.21 -9.14
CA CYS A 195 7.43 -4.40 -8.50
C CYS A 195 8.57 -5.35 -8.19
N SER A 196 8.79 -5.63 -6.91
CA SER A 196 9.90 -6.54 -6.61
C SER A 196 9.40 -7.61 -5.66
N GLU A 197 9.67 -8.88 -5.99
CA GLU A 197 9.13 -9.94 -5.16
C GLU A 197 10.17 -10.97 -4.74
N ILE A 198 10.18 -11.30 -3.46
CA ILE A 198 11.04 -12.38 -2.98
C ILE A 198 10.21 -13.34 -2.15
N THR A 199 10.11 -14.56 -2.67
CA THR A 199 9.18 -15.59 -2.22
C THR A 199 9.57 -16.25 -0.90
N ALA A 200 10.66 -15.78 -0.30
CA ALA A 200 11.12 -16.27 1.00
C ALA A 200 10.11 -16.04 2.12
N ILE A 201 9.25 -15.02 2.06
CA ILE A 201 8.25 -14.85 3.11
C ILE A 201 7.29 -16.05 3.11
N LEU A 202 7.20 -16.73 1.99
CA LEU A 202 6.22 -17.80 1.77
C LEU A 202 6.82 -19.19 1.83
N PHE A 203 8.14 -19.32 1.96
CA PHE A 203 8.77 -20.62 2.07
C PHE A 203 8.33 -21.37 3.32
N HIS A 204 8.03 -22.65 3.21
CA HIS A 204 7.67 -23.53 4.32
C HIS A 204 8.11 -24.97 4.03
N GLY A 205 8.36 -25.76 5.07
CA GLY A 205 8.67 -27.18 4.91
C GLY A 205 7.44 -27.97 4.54
N PRO A 206 7.57 -29.20 4.04
CA PRO A 206 6.37 -29.95 3.64
C PRO A 206 5.68 -30.58 4.84
N ASN A 207 4.36 -30.53 4.86
CA ASN A 207 3.55 -31.12 5.92
C ASN A 207 2.28 -31.77 5.35
N GLU A 208 1.88 -32.90 5.90
CA GLU A 208 0.77 -33.74 5.50
C GLU A 208 -0.40 -33.01 4.85
N ASN A 209 -1.43 -32.60 5.62
CA ASN A 209 -2.66 -32.10 4.99
C ASN A 209 -2.61 -30.61 4.64
N HIS A 210 -1.41 -30.05 4.58
CA HIS A 210 -1.26 -28.65 4.17
C HIS A 210 -0.72 -28.60 2.74
N LEU A 211 -1.58 -28.86 1.77
CA LEU A 211 -1.11 -29.01 0.39
C LEU A 211 -1.09 -27.72 -0.41
N ASP A 212 -2.01 -26.79 -0.15
CA ASP A 212 -1.95 -25.54 -0.93
C ASP A 212 -0.61 -24.88 -0.61
N SER A 213 -0.25 -24.88 0.67
CA SER A 213 1.06 -24.31 1.00
C SER A 213 2.16 -25.03 0.24
N LEU A 214 2.04 -26.35 0.11
CA LEU A 214 3.07 -27.12 -0.60
C LEU A 214 3.07 -26.78 -2.09
N VAL A 215 1.89 -26.55 -2.66
CA VAL A 215 1.89 -26.19 -4.08
C VAL A 215 2.63 -24.88 -4.32
N ALA A 216 2.58 -24.00 -3.32
CA ALA A 216 3.27 -22.72 -3.41
C ALA A 216 4.80 -22.89 -3.40
N GLN A 217 5.32 -23.93 -2.75
CA GLN A 217 6.75 -24.19 -2.75
C GLN A 217 7.25 -24.54 -4.15
N ALA A 218 6.33 -24.92 -5.03
CA ALA A 218 6.66 -25.26 -6.41
C ALA A 218 6.33 -24.18 -7.42
N LEU A 219 5.59 -23.13 -7.05
CA LEU A 219 4.99 -22.16 -7.96
C LEU A 219 5.75 -20.85 -8.13
N PHE A 220 6.26 -20.33 -7.03
CA PHE A 220 6.71 -18.94 -7.01
C PHE A 220 8.22 -18.83 -7.19
N GLY A 221 8.61 -17.86 -8.01
CA GLY A 221 9.98 -17.48 -8.28
C GLY A 221 10.21 -16.01 -7.95
N ASP A 222 11.46 -15.57 -7.91
CA ASP A 222 11.76 -14.19 -7.52
C ASP A 222 12.16 -13.32 -8.70
N GLY A 223 11.85 -12.04 -8.60
CA GLY A 223 12.24 -11.07 -9.62
C GLY A 223 11.71 -9.67 -9.34
N ALA A 224 12.23 -8.68 -10.06
CA ALA A 224 11.73 -7.31 -10.00
C ALA A 224 11.58 -6.77 -11.42
N ALA A 225 10.52 -6.02 -11.68
CA ALA A 225 10.34 -5.32 -12.95
C ALA A 225 10.22 -3.82 -12.66
N ALA A 226 10.67 -2.97 -13.58
CA ALA A 226 10.56 -1.53 -13.35
C ALA A 226 10.14 -0.86 -14.65
N LEU A 227 9.25 0.13 -14.57
CA LEU A 227 8.79 0.81 -15.77
C LEU A 227 8.91 2.32 -15.63
N ILE A 228 9.09 3.00 -16.76
CA ILE A 228 8.98 4.45 -16.78
C ILE A 228 7.66 4.73 -17.50
N VAL A 229 6.78 5.45 -16.81
CA VAL A 229 5.49 5.75 -17.43
C VAL A 229 5.30 7.25 -17.51
N GLY A 230 4.78 7.70 -18.65
CA GLY A 230 4.49 9.11 -18.79
C GLY A 230 3.51 9.36 -19.94
N SER A 231 2.89 10.53 -19.85
CA SER A 231 2.07 11.13 -20.88
C SER A 231 2.88 12.20 -21.62
N GLY A 232 2.46 12.51 -22.84
CA GLY A 232 3.16 13.49 -23.67
C GLY A 232 4.64 13.17 -23.80
N PRO A 233 4.96 12.01 -24.37
CA PRO A 233 6.37 11.66 -24.57
C PRO A 233 7.08 12.71 -25.43
N HIS A 234 8.31 12.96 -25.02
CA HIS A 234 9.20 13.81 -25.82
C HIS A 234 9.87 12.90 -26.85
N LEU A 235 9.16 12.82 -27.94
CA LEU A 235 9.50 12.22 -29.20
C LEU A 235 10.68 13.00 -29.80
N ALA A 236 11.85 12.60 -29.36
CA ALA A 236 13.16 13.00 -29.84
C ALA A 236 14.10 12.09 -29.04
N VAL A 237 13.73 11.99 -27.77
CA VAL A 237 14.56 11.27 -26.80
C VAL A 237 13.80 10.10 -26.17
N GLU A 238 12.46 10.12 -26.17
CA GLU A 238 11.73 9.03 -25.52
C GLU A 238 11.07 8.11 -26.54
N ARG A 239 11.04 6.82 -26.20
CA ARG A 239 10.54 5.79 -27.10
C ARG A 239 9.34 5.03 -26.55
N PRO A 240 8.11 5.45 -26.89
CA PRO A 240 6.90 4.72 -26.51
C PRO A 240 6.94 3.23 -26.83
N ILE A 241 6.50 2.40 -25.90
CA ILE A 241 6.42 0.96 -26.11
C ILE A 241 4.96 0.52 -26.18
N PHE A 242 4.14 0.90 -25.20
CA PHE A 242 2.70 0.71 -25.21
C PHE A 242 1.99 1.93 -24.62
N GLU A 243 0.76 2.18 -25.07
CA GLU A 243 -0.06 3.18 -24.37
C GLU A 243 -1.06 2.47 -23.46
N ILE A 244 -1.31 3.06 -22.29
CA ILE A 244 -2.31 2.43 -21.41
C ILE A 244 -3.67 3.07 -21.71
N VAL A 245 -4.51 2.26 -22.36
CA VAL A 245 -5.80 2.73 -22.84
C VAL A 245 -6.86 2.79 -21.76
N SER A 246 -7.05 1.65 -21.10
CA SER A 246 -8.10 1.64 -20.09
C SER A 246 -7.75 0.63 -19.02
N THR A 247 -8.52 0.73 -17.94
CA THR A 247 -8.18 -0.03 -16.73
C THR A 247 -9.41 -0.45 -15.97
N ASP A 248 -9.54 -1.72 -15.60
CA ASP A 248 -10.68 -2.17 -14.82
C ASP A 248 -10.21 -3.08 -13.69
N GLN A 249 -10.91 -3.00 -12.56
CA GLN A 249 -10.73 -3.91 -11.45
C GLN A 249 -12.09 -4.43 -11.00
N THR A 250 -12.31 -5.73 -10.90
CA THR A 250 -13.59 -6.15 -10.34
C THR A 250 -13.36 -7.39 -9.49
N ILE A 251 -14.20 -7.50 -8.44
CA ILE A 251 -14.07 -8.73 -7.67
C ILE A 251 -15.04 -9.74 -8.28
N LEU A 252 -14.58 -10.97 -8.43
CA LEU A 252 -15.36 -12.08 -8.99
C LEU A 252 -16.33 -12.66 -7.98
N PRO A 253 -17.61 -12.79 -8.31
CA PRO A 253 -18.61 -13.23 -7.32
C PRO A 253 -18.40 -14.64 -6.78
N ASP A 254 -18.63 -14.79 -5.49
CA ASP A 254 -18.57 -16.06 -4.79
C ASP A 254 -17.23 -16.76 -4.95
N THR A 255 -16.14 -15.98 -4.88
CA THR A 255 -14.81 -16.58 -5.00
C THR A 255 -13.86 -16.17 -3.88
N GLU A 256 -14.39 -15.72 -2.75
CA GLU A 256 -13.56 -15.23 -1.66
C GLU A 256 -12.54 -16.27 -1.23
N LYS A 257 -12.92 -17.53 -1.29
CA LYS A 257 -12.11 -18.69 -0.91
C LYS A 257 -11.05 -19.03 -1.94
N ALA A 258 -11.04 -18.36 -3.08
CA ALA A 258 -10.08 -18.69 -4.13
C ALA A 258 -8.65 -18.68 -3.61
N MET A 259 -8.25 -17.66 -2.88
CA MET A 259 -6.91 -17.57 -2.31
C MET A 259 -6.86 -16.74 -1.04
N LYS A 260 -6.21 -17.26 -0.01
N LYS A 260 -6.21 -17.26 -0.01
CA LYS A 260 -6.02 -16.52 1.23
CA LYS A 260 -6.03 -16.51 1.24
C LYS A 260 -4.57 -16.62 1.71
C LYS A 260 -4.59 -16.62 1.73
N LEU A 261 -4.00 -15.49 2.07
CA LEU A 261 -2.63 -15.46 2.61
C LEU A 261 -2.60 -14.53 3.83
N HIS A 262 -2.22 -15.13 4.94
CA HIS A 262 -2.09 -14.47 6.24
C HIS A 262 -0.62 -14.31 6.61
N LEU A 263 -0.26 -13.13 7.11
CA LEU A 263 1.11 -12.92 7.60
C LEU A 263 1.12 -13.23 9.10
N ARG A 264 1.77 -14.33 9.45
N ARG A 264 1.77 -14.33 9.46
CA ARG A 264 1.79 -14.86 10.80
CA ARG A 264 1.74 -14.72 10.88
C ARG A 264 3.21 -14.87 11.39
C ARG A 264 3.16 -15.02 11.34
N GLU A 265 3.30 -15.39 12.61
CA GLU A 265 4.58 -15.63 13.24
C GLU A 265 5.38 -16.65 12.43
N GLY A 266 4.70 -17.56 11.72
CA GLY A 266 5.39 -18.57 10.94
C GLY A 266 5.63 -18.14 9.50
N GLY A 267 5.48 -16.85 9.20
CA GLY A 267 5.63 -16.35 7.86
C GLY A 267 4.29 -16.16 7.16
N LEU A 268 4.31 -16.05 5.85
CA LEU A 268 3.10 -15.84 5.07
C LEU A 268 2.47 -17.18 4.70
N THR A 269 1.20 -17.32 5.08
CA THR A 269 0.48 -18.54 4.72
C THR A 269 0.04 -18.46 3.26
N PHE A 270 -0.36 -19.61 2.73
CA PHE A 270 -0.84 -19.72 1.37
C PHE A 270 -1.92 -20.80 1.31
N GLN A 271 -3.07 -20.36 0.83
CA GLN A 271 -4.18 -21.28 0.61
C GLN A 271 -4.88 -20.85 -0.68
N LEU A 272 -4.94 -21.82 -1.57
CA LEU A 272 -5.33 -21.83 -2.96
C LEU A 272 -6.35 -22.93 -3.24
N HIS A 273 -7.56 -22.56 -3.61
CA HIS A 273 -8.59 -23.55 -3.95
C HIS A 273 -8.29 -24.21 -5.30
N ARG A 274 -8.58 -25.50 -5.42
CA ARG A 274 -8.34 -26.24 -6.64
C ARG A 274 -9.11 -25.70 -7.83
N ASP A 275 -10.20 -24.97 -7.61
CA ASP A 275 -11.08 -24.60 -8.71
C ASP A 275 -10.78 -23.22 -9.26
N VAL A 276 -9.72 -22.60 -8.75
CA VAL A 276 -9.34 -21.27 -9.21
C VAL A 276 -9.26 -21.17 -10.72
N PRO A 277 -8.61 -22.08 -11.43
CA PRO A 277 -8.65 -22.03 -12.90
C PRO A 277 -10.05 -21.95 -13.48
N LEU A 278 -11.02 -22.65 -12.93
CA LEU A 278 -12.41 -22.62 -13.41
C LEU A 278 -13.11 -21.33 -13.03
N MET A 279 -12.75 -20.77 -11.87
CA MET A 279 -13.35 -19.50 -11.46
C MET A 279 -12.94 -18.40 -12.43
N VAL A 280 -11.70 -18.49 -12.93
CA VAL A 280 -11.27 -17.49 -13.90
C VAL A 280 -11.98 -17.72 -15.22
N ALA A 281 -11.98 -18.98 -15.64
CA ALA A 281 -12.66 -19.38 -16.87
C ALA A 281 -14.09 -18.86 -16.91
N LYS A 282 -14.76 -18.96 -15.77
CA LYS A 282 -16.16 -18.58 -15.67
C LYS A 282 -16.36 -17.09 -15.96
N ASN A 283 -15.39 -16.28 -15.54
CA ASN A 283 -15.54 -14.83 -15.52
C ASN A 283 -14.74 -14.08 -16.57
N ILE A 284 -13.86 -14.78 -17.27
CA ILE A 284 -12.91 -14.08 -18.13
C ILE A 284 -13.52 -13.48 -19.38
N GLU A 285 -14.48 -14.19 -19.98
N GLU A 285 -14.48 -14.15 -20.04
CA GLU A 285 -15.18 -13.73 -21.16
CA GLU A 285 -15.02 -13.52 -21.25
C GLU A 285 -15.81 -12.36 -20.92
C GLU A 285 -15.73 -12.22 -20.91
N ASN A 286 -16.34 -12.14 -19.72
CA ASN A 286 -16.97 -10.86 -19.39
C ASN A 286 -15.92 -9.76 -19.26
N ALA A 287 -14.78 -10.13 -18.67
CA ALA A 287 -13.69 -9.18 -18.49
C ALA A 287 -13.23 -8.69 -19.85
N ALA A 288 -12.98 -9.66 -20.73
CA ALA A 288 -12.54 -9.29 -22.07
C ALA A 288 -13.55 -8.39 -22.75
N GLU A 289 -14.83 -8.74 -22.65
CA GLU A 289 -15.86 -7.97 -23.36
C GLU A 289 -15.98 -6.57 -22.81
N LYS A 290 -15.84 -6.44 -21.49
CA LYS A 290 -15.98 -5.11 -20.90
C LYS A 290 -14.85 -4.22 -21.39
N ALA A 291 -13.66 -4.81 -21.50
CA ALA A 291 -12.48 -4.11 -21.97
C ALA A 291 -12.51 -3.82 -23.47
N LEU A 292 -12.96 -4.77 -24.30
CA LEU A 292 -12.79 -4.51 -25.73
C LEU A 292 -14.01 -3.98 -26.46
N SER A 293 -15.23 -4.27 -26.01
CA SER A 293 -16.42 -3.75 -26.69
C SER A 293 -16.40 -2.26 -26.95
N PRO A 294 -16.06 -1.40 -25.99
CA PRO A 294 -16.04 0.04 -26.28
C PRO A 294 -15.11 0.41 -27.44
N LEU A 295 -14.14 -0.45 -27.72
CA LEU A 295 -13.19 -0.27 -28.79
C LEU A 295 -13.73 -0.87 -30.08
N GLY A 296 -14.95 -1.40 -30.00
CA GLY A 296 -15.52 -2.07 -31.16
C GLY A 296 -14.78 -3.33 -31.52
N ILE A 297 -14.13 -3.97 -30.55
N ILE A 297 -14.12 -3.96 -30.55
CA ILE A 297 -13.43 -5.21 -30.95
CA ILE A 297 -13.43 -5.20 -30.90
C ILE A 297 -14.10 -6.43 -30.32
C ILE A 297 -14.14 -6.41 -30.32
N THR A 298 -14.32 -7.44 -31.15
CA THR A 298 -14.99 -8.66 -30.73
C THR A 298 -14.15 -9.90 -30.99
N ASP A 299 -13.19 -9.76 -31.89
CA ASP A 299 -12.36 -10.87 -32.34
C ASP A 299 -11.20 -11.08 -31.39
N TRP A 300 -11.31 -12.06 -30.49
CA TRP A 300 -10.25 -12.21 -29.48
C TRP A 300 -8.90 -12.52 -30.13
N ASN A 301 -8.89 -13.14 -31.30
CA ASN A 301 -7.60 -13.49 -31.90
C ASN A 301 -6.96 -12.30 -32.61
N SER A 302 -7.77 -11.24 -32.72
CA SER A 302 -7.27 -10.03 -33.36
C SER A 302 -6.52 -9.17 -32.36
N VAL A 303 -6.24 -9.70 -31.17
CA VAL A 303 -5.54 -8.89 -30.18
C VAL A 303 -4.50 -9.71 -29.43
N PHE A 304 -3.56 -9.03 -28.78
CA PHE A 304 -2.53 -9.75 -28.01
C PHE A 304 -2.95 -9.81 -26.54
N TRP A 305 -2.53 -10.89 -25.89
CA TRP A 305 -2.95 -11.20 -24.53
C TRP A 305 -1.76 -11.38 -23.61
N MET A 306 -1.77 -10.70 -22.47
CA MET A 306 -0.76 -11.01 -21.45
C MET A 306 -1.50 -11.47 -20.21
N VAL A 307 -1.37 -12.76 -19.93
CA VAL A 307 -2.14 -13.40 -18.86
C VAL A 307 -1.21 -13.82 -17.74
N HIS A 308 -1.45 -13.22 -16.57
CA HIS A 308 -0.73 -13.59 -15.38
C HIS A 308 -0.76 -15.10 -15.16
N PRO A 309 0.39 -15.74 -15.27
CA PRO A 309 0.43 -17.19 -15.10
C PRO A 309 0.29 -17.58 -13.63
N GLY A 310 -0.91 -17.37 -13.08
CA GLY A 310 -1.14 -17.81 -11.71
C GLY A 310 -0.74 -19.28 -11.58
N GLY A 311 -1.09 -20.03 -12.62
CA GLY A 311 -0.62 -21.39 -12.83
C GLY A 311 -0.76 -21.72 -14.31
N ARG A 312 -0.18 -22.83 -14.75
CA ARG A 312 -0.39 -23.31 -16.12
C ARG A 312 -1.86 -23.51 -16.42
N ALA A 313 -2.64 -24.02 -15.45
CA ALA A 313 -4.05 -24.30 -15.69
C ALA A 313 -4.88 -23.05 -15.93
N ILE A 314 -4.49 -21.92 -15.33
CA ILE A 314 -5.21 -20.67 -15.62
C ILE A 314 -4.98 -20.24 -17.06
N LEU A 315 -3.78 -20.50 -17.58
CA LEU A 315 -3.42 -20.13 -18.94
C LEU A 315 -4.17 -21.01 -19.94
N ASP A 316 -4.18 -22.31 -19.68
CA ASP A 316 -4.95 -23.25 -20.47
C ASP A 316 -6.43 -22.91 -20.53
N GLN A 317 -6.99 -22.64 -19.36
CA GLN A 317 -8.39 -22.27 -19.21
C GLN A 317 -8.71 -20.95 -19.90
N VAL A 318 -7.86 -19.93 -19.77
CA VAL A 318 -8.19 -18.66 -20.44
C VAL A 318 -8.15 -18.87 -21.95
N GLU A 319 -7.13 -19.61 -22.37
CA GLU A 319 -6.92 -19.97 -23.77
C GLU A 319 -8.12 -20.73 -24.30
N ARG A 320 -8.54 -21.77 -23.58
CA ARG A 320 -9.72 -22.51 -23.98
C ARG A 320 -10.95 -21.62 -23.99
N LYS A 321 -11.18 -20.85 -22.94
CA LYS A 321 -12.41 -20.05 -22.87
C LYS A 321 -12.47 -18.92 -23.89
N LEU A 322 -11.38 -18.25 -24.24
CA LEU A 322 -11.50 -17.17 -25.23
C LEU A 322 -11.22 -17.66 -26.65
N ASN A 323 -11.05 -18.94 -26.84
CA ASN A 323 -10.59 -19.82 -27.89
C ASN A 323 -9.54 -19.11 -28.76
N LEU A 324 -8.40 -18.90 -28.11
CA LEU A 324 -7.23 -18.29 -28.74
C LEU A 324 -6.49 -19.31 -29.58
N LYS A 325 -5.78 -18.89 -30.62
CA LYS A 325 -4.92 -19.88 -31.30
C LYS A 325 -3.93 -20.45 -30.30
N GLU A 326 -3.24 -21.54 -30.64
CA GLU A 326 -2.52 -22.26 -29.61
C GLU A 326 -1.26 -21.57 -29.14
N ASP A 327 -0.74 -20.59 -29.88
CA ASP A 327 0.47 -19.97 -29.33
C ASP A 327 0.17 -18.53 -28.97
N LYS A 328 -1.13 -18.24 -28.87
CA LYS A 328 -1.51 -16.89 -28.44
C LYS A 328 -0.85 -16.49 -27.11
N LEU A 329 -0.66 -17.42 -26.17
CA LEU A 329 -0.16 -17.11 -24.83
C LEU A 329 1.32 -17.47 -24.62
N ARG A 330 2.02 -17.64 -25.74
CA ARG A 330 3.42 -18.07 -25.73
C ARG A 330 4.26 -17.20 -24.83
N ALA A 331 4.14 -15.88 -24.94
CA ALA A 331 4.86 -14.95 -24.07
C ALA A 331 4.53 -15.16 -22.59
N SER A 332 3.25 -15.39 -22.27
CA SER A 332 2.93 -15.59 -20.85
C SER A 332 3.48 -16.95 -20.42
N ARG A 333 3.45 -17.92 -21.34
CA ARG A 333 4.00 -19.23 -21.02
C ARG A 333 5.52 -19.20 -20.89
N HIS A 334 6.15 -18.40 -21.74
CA HIS A 334 7.59 -18.22 -21.70
C HIS A 334 8.04 -17.73 -20.32
N VAL A 335 7.46 -16.64 -19.79
CA VAL A 335 8.08 -16.19 -18.54
C VAL A 335 7.71 -17.10 -17.38
N LEU A 336 6.55 -17.76 -17.45
CA LEU A 336 6.26 -18.72 -16.38
C LEU A 336 7.34 -19.80 -16.38
N SER A 337 7.74 -20.18 -17.58
CA SER A 337 8.72 -21.23 -17.76
C SER A 337 10.13 -20.81 -17.34
N GLU A 338 10.52 -19.61 -17.73
CA GLU A 338 11.86 -19.09 -17.41
C GLU A 338 11.99 -18.53 -16.01
N TYR A 339 10.87 -18.14 -15.39
CA TYR A 339 10.96 -17.43 -14.11
C TYR A 339 10.06 -17.98 -13.03
N GLY A 340 9.04 -18.76 -13.38
CA GLY A 340 8.06 -19.19 -12.37
C GLY A 340 7.02 -18.08 -12.21
N ASN A 341 6.15 -18.20 -11.22
CA ASN A 341 5.14 -17.19 -10.93
C ASN A 341 5.79 -16.08 -10.13
N LEU A 342 5.94 -14.88 -10.70
CA LEU A 342 6.64 -13.82 -10.00
C LEU A 342 5.68 -12.83 -9.33
N ILE A 343 4.50 -13.31 -8.99
N ILE A 343 4.50 -13.32 -8.99
CA ILE A 343 3.36 -12.61 -8.40
CA ILE A 343 3.48 -12.54 -8.28
C ILE A 343 3.26 -11.18 -8.93
C ILE A 343 3.27 -11.19 -8.93
N SER A 344 3.43 -10.06 -8.25
CA SER A 344 3.08 -8.78 -8.87
C SER A 344 3.94 -8.34 -10.05
N ALA A 345 5.18 -8.76 -10.20
CA ALA A 345 5.98 -8.33 -11.34
C ALA A 345 5.78 -9.21 -12.59
N CYS A 346 5.17 -10.37 -12.42
CA CYS A 346 5.09 -11.36 -13.49
C CYS A 346 4.53 -10.80 -14.80
N VAL A 347 3.32 -10.24 -14.80
CA VAL A 347 2.85 -9.69 -16.06
C VAL A 347 3.73 -8.56 -16.56
N LEU A 348 4.53 -7.89 -15.72
CA LEU A 348 5.38 -6.83 -16.29
C LEU A 348 6.54 -7.48 -17.04
N PHE A 349 7.01 -8.63 -16.56
CA PHE A 349 7.98 -9.41 -17.31
C PHE A 349 7.38 -9.80 -18.65
N ILE A 350 6.07 -10.09 -18.63
CA ILE A 350 5.47 -10.54 -19.89
C ILE A 350 5.28 -9.37 -20.84
N ILE A 351 4.99 -8.17 -20.36
CA ILE A 351 4.98 -7.03 -21.30
C ILE A 351 6.31 -6.88 -22.03
N ASP A 352 7.44 -6.93 -21.35
CA ASP A 352 8.79 -6.86 -21.88
C ASP A 352 9.09 -8.01 -22.84
N GLU A 353 8.69 -9.22 -22.45
CA GLU A 353 8.82 -10.38 -23.33
C GLU A 353 8.12 -10.09 -24.66
N VAL A 354 6.86 -9.68 -24.59
CA VAL A 354 6.10 -9.41 -25.81
C VAL A 354 6.75 -8.34 -26.69
N ARG A 355 7.12 -7.19 -26.12
CA ARG A 355 7.67 -6.15 -26.98
C ARG A 355 9.05 -6.57 -27.48
N LYS A 356 9.84 -7.25 -26.65
CA LYS A 356 11.16 -7.68 -27.11
C LYS A 356 11.09 -8.80 -28.15
N ARG A 357 10.19 -9.76 -27.99
CA ARG A 357 10.04 -10.80 -29.01
C ARG A 357 9.54 -10.22 -30.33
N SER A 358 8.69 -9.21 -30.25
CA SER A 358 8.07 -8.56 -31.40
C SER A 358 9.09 -7.79 -32.23
N MET A 359 9.91 -6.99 -31.56
CA MET A 359 10.91 -6.22 -32.30
C MET A 359 11.89 -7.15 -32.99
N ALA A 360 12.23 -8.23 -32.29
CA ALA A 360 13.16 -9.24 -32.77
C ALA A 360 12.63 -10.01 -33.98
N GLU A 361 11.33 -10.30 -34.03
CA GLU A 361 10.77 -11.05 -35.14
C GLU A 361 10.43 -10.10 -36.30
N GLY A 362 10.67 -8.82 -36.07
CA GLY A 362 10.39 -7.80 -37.05
C GLY A 362 8.92 -7.54 -37.21
N LYS A 363 8.13 -7.69 -36.14
CA LYS A 363 6.71 -7.35 -36.19
C LYS A 363 6.55 -5.85 -36.45
N SER A 364 5.49 -5.47 -37.13
CA SER A 364 5.17 -4.09 -37.44
C SER A 364 4.66 -3.32 -36.23
N THR A 365 4.34 -4.04 -35.16
CA THR A 365 4.01 -3.42 -33.90
C THR A 365 4.73 -4.18 -32.77
N THR A 366 4.76 -3.49 -31.64
CA THR A 366 5.38 -3.90 -30.40
C THR A 366 4.53 -4.95 -29.69
N GLY A 367 3.28 -5.06 -30.14
CA GLY A 367 2.32 -6.02 -29.62
C GLY A 367 2.02 -7.14 -30.61
N GLU A 368 3.05 -7.93 -30.86
CA GLU A 368 2.97 -9.09 -31.73
C GLU A 368 2.46 -8.72 -33.11
N GLY A 369 2.68 -7.47 -33.53
CA GLY A 369 2.21 -7.05 -34.84
C GLY A 369 0.75 -6.61 -34.75
N LEU A 370 0.15 -6.72 -33.57
CA LEU A 370 -1.24 -6.35 -33.35
C LEU A 370 -1.33 -4.96 -32.74
N ASP A 371 -2.51 -4.34 -32.83
CA ASP A 371 -2.74 -2.98 -32.36
C ASP A 371 -3.12 -2.87 -30.89
N CYS A 372 -4.12 -3.62 -30.43
CA CYS A 372 -4.60 -3.54 -29.05
C CYS A 372 -4.30 -4.84 -28.32
N GLY A 373 -4.16 -4.77 -27.00
CA GLY A 373 -3.88 -6.01 -26.28
C GLY A 373 -4.49 -5.96 -24.89
N VAL A 374 -4.67 -7.11 -24.26
CA VAL A 374 -5.26 -7.06 -22.92
C VAL A 374 -4.36 -7.76 -21.92
N LEU A 375 -4.13 -7.08 -20.80
CA LEU A 375 -3.39 -7.76 -19.72
C LEU A 375 -4.34 -7.99 -18.54
N PHE A 376 -4.26 -9.19 -17.97
CA PHE A 376 -5.00 -9.68 -16.84
C PHE A 376 -4.09 -10.01 -15.64
N GLY A 377 -4.45 -9.45 -14.50
CA GLY A 377 -3.96 -9.77 -13.18
C GLY A 377 -5.04 -10.50 -12.37
N PHE A 378 -4.65 -11.55 -11.67
CA PHE A 378 -5.58 -12.31 -10.84
C PHE A 378 -5.05 -12.43 -9.41
N GLY A 379 -5.81 -11.89 -8.46
CA GLY A 379 -5.43 -11.91 -7.07
C GLY A 379 -6.57 -12.27 -6.13
N PRO A 380 -6.23 -12.23 -4.84
CA PRO A 380 -7.20 -12.51 -3.79
C PRO A 380 -8.44 -11.62 -3.97
N GLY A 381 -9.59 -12.18 -3.65
CA GLY A 381 -10.90 -11.58 -3.76
C GLY A 381 -11.97 -12.61 -4.11
N MET A 382 -11.84 -13.32 -5.22
CA MET A 382 -10.79 -13.19 -6.21
C MET A 382 -10.96 -11.92 -7.04
N THR A 383 -9.85 -11.21 -7.25
CA THR A 383 -9.82 -10.01 -8.05
C THR A 383 -9.22 -10.20 -9.44
N VAL A 384 -9.84 -9.55 -10.42
N VAL A 384 -9.83 -9.54 -10.42
CA VAL A 384 -9.24 -9.49 -11.75
CA VAL A 384 -9.29 -9.48 -11.77
C VAL A 384 -8.99 -8.02 -12.10
C VAL A 384 -9.01 -8.03 -12.15
N GLU A 385 -7.77 -7.75 -12.56
CA GLU A 385 -7.43 -6.43 -13.07
C GLU A 385 -7.30 -6.58 -14.58
N THR A 386 -8.00 -5.73 -15.29
CA THR A 386 -7.99 -5.81 -16.74
C THR A 386 -7.45 -4.52 -17.33
N VAL A 387 -6.27 -4.59 -17.93
CA VAL A 387 -5.81 -3.32 -18.53
C VAL A 387 -5.59 -3.50 -20.03
N VAL A 388 -6.07 -2.49 -20.77
CA VAL A 388 -5.94 -2.48 -22.23
C VAL A 388 -4.71 -1.62 -22.59
N LEU A 389 -3.85 -2.25 -23.38
CA LEU A 389 -2.62 -1.64 -23.87
C LEU A 389 -2.71 -1.45 -25.37
N ARG A 390 -2.25 -0.28 -25.83
CA ARG A 390 -2.13 -0.06 -27.27
C ARG A 390 -0.68 -0.17 -27.72
N SER A 391 -0.43 -1.04 -28.69
CA SER A 391 0.94 -1.20 -29.19
C SER A 391 1.37 0.02 -29.99
N VAL A 392 2.67 0.07 -30.30
CA VAL A 392 3.24 1.13 -31.11
C VAL A 392 3.84 0.54 -32.38
N ARG A 393 3.79 1.30 -33.47
CA ARG A 393 4.33 0.77 -34.71
C ARG A 393 5.86 0.84 -34.68
N VAL A 394 6.46 -0.28 -35.05
CA VAL A 394 7.89 -0.40 -35.27
C VAL A 394 8.21 0.12 -36.66
N THR A 395 8.83 1.29 -36.70
CA THR A 395 9.15 1.94 -37.97
C THR A 395 7.95 1.95 -38.90
N ALA B 18 -11.63 14.56 -14.70
CA ALA B 18 -12.76 15.38 -14.28
C ALA B 18 -12.49 16.86 -14.51
N GLN B 19 -13.36 17.73 -13.98
CA GLN B 19 -13.19 19.16 -14.18
C GLN B 19 -13.35 19.92 -12.85
N GLY B 20 -12.30 20.63 -12.46
CA GLY B 20 -12.24 21.39 -11.23
C GLY B 20 -11.35 20.70 -10.21
N LEU B 21 -10.98 21.37 -9.12
CA LEU B 21 -10.09 20.73 -8.18
C LEU B 21 -10.81 19.63 -7.40
N ALA B 22 -10.05 18.60 -7.03
CA ALA B 22 -10.62 17.55 -6.18
C ALA B 22 -11.15 18.21 -4.92
N THR B 23 -12.39 17.88 -4.59
CA THR B 23 -13.07 18.53 -3.48
C THR B 23 -13.54 17.54 -2.42
N ILE B 24 -13.31 17.84 -1.14
N ILE B 24 -13.28 17.87 -1.17
CA ILE B 24 -13.75 16.97 -0.06
CA ILE B 24 -13.77 17.09 -0.03
C ILE B 24 -15.18 17.34 0.36
C ILE B 24 -15.25 17.42 0.16
N LEU B 25 -16.10 16.41 0.16
CA LEU B 25 -17.54 16.59 0.21
C LEU B 25 -18.22 16.01 1.44
N ALA B 26 -17.52 15.22 2.24
CA ALA B 26 -18.10 14.62 3.44
C ALA B 26 -16.98 14.10 4.30
N ILE B 27 -17.14 14.20 5.61
CA ILE B 27 -16.19 13.62 6.54
C ILE B 27 -16.95 12.95 7.69
N GLY B 28 -16.63 11.68 7.90
CA GLY B 28 -17.13 10.92 9.03
C GLY B 28 -16.02 10.34 9.87
N THR B 29 -16.20 10.24 11.18
CA THR B 29 -15.20 9.60 12.03
C THR B 29 -15.83 8.59 12.97
N ALA B 30 -15.02 7.64 13.44
CA ALA B 30 -15.53 6.66 14.40
C ALA B 30 -14.33 6.27 15.27
N THR B 31 -14.60 5.76 16.46
CA THR B 31 -13.60 5.24 17.36
C THR B 31 -14.17 3.95 17.97
N PRO B 32 -13.28 3.15 18.50
CA PRO B 32 -13.69 2.05 19.38
C PRO B 32 -14.40 2.64 20.61
N PRO B 33 -15.30 1.85 21.18
CA PRO B 33 -16.09 2.31 22.33
C PRO B 33 -15.29 2.45 23.62
N ASN B 34 -14.30 1.62 23.88
CA ASN B 34 -13.42 1.63 25.04
C ASN B 34 -12.65 2.94 25.16
N CYS B 35 -13.08 3.80 26.09
CA CYS B 35 -12.42 5.07 26.38
C CYS B 35 -11.49 4.91 27.57
N VAL B 36 -10.30 5.50 27.54
CA VAL B 36 -9.42 5.49 28.73
C VAL B 36 -8.87 6.88 29.01
N ALA B 37 -9.06 7.38 30.23
CA ALA B 37 -8.55 8.71 30.56
C ALA B 37 -7.04 8.71 30.71
N GLN B 38 -6.36 9.68 30.09
CA GLN B 38 -4.90 9.66 30.17
C GLN B 38 -4.47 9.73 31.64
N ALA B 39 -5.24 10.43 32.45
CA ALA B 39 -4.95 10.59 33.88
C ALA B 39 -4.97 9.25 34.62
N ASP B 40 -5.54 8.20 34.05
CA ASP B 40 -5.53 6.91 34.72
C ASP B 40 -4.70 5.88 33.95
N TYR B 41 -4.07 6.29 32.85
CA TYR B 41 -3.44 5.30 32.00
C TYR B 41 -2.24 4.59 32.60
N ALA B 42 -1.39 5.26 33.36
CA ALA B 42 -0.19 4.59 33.87
C ALA B 42 -0.57 3.52 34.89
N ASP B 43 -1.59 3.81 35.69
CA ASP B 43 -2.04 2.86 36.70
C ASP B 43 -2.56 1.57 36.05
N TYR B 44 -3.40 1.75 35.05
CA TYR B 44 -4.01 0.66 34.30
C TYR B 44 -2.95 -0.15 33.56
N TYR B 45 -2.15 0.61 32.81
CA TYR B 45 -1.10 0.03 31.98
C TYR B 45 -0.13 -0.81 32.80
N PHE B 46 0.37 -0.23 33.90
CA PHE B 46 1.32 -0.98 34.73
C PHE B 46 0.61 -2.07 35.52
N ARG B 47 -0.67 -1.84 35.82
CA ARG B 47 -1.44 -2.89 36.48
C ARG B 47 -1.59 -4.06 35.52
N VAL B 48 -2.08 -3.71 34.34
CA VAL B 48 -2.40 -4.72 33.33
C VAL B 48 -1.20 -5.49 32.82
N THR B 49 -0.03 -4.87 32.66
CA THR B 49 1.14 -5.60 32.20
C THR B 49 1.84 -6.31 33.35
N LYS B 50 1.24 -6.26 34.53
CA LYS B 50 1.76 -6.94 35.72
C LYS B 50 3.12 -6.39 36.15
N SER B 51 3.31 -5.08 36.02
CA SER B 51 4.62 -4.47 36.16
C SER B 51 4.68 -3.49 37.32
N GLU B 52 3.86 -3.71 38.36
CA GLU B 52 3.84 -2.64 39.37
C GLU B 52 5.12 -2.62 40.19
N HIS B 53 5.95 -3.65 40.15
CA HIS B 53 7.20 -3.56 40.90
C HIS B 53 8.14 -2.52 40.30
N MET B 54 7.94 -2.15 39.04
CA MET B 54 8.78 -1.18 38.35
C MET B 54 8.37 0.25 38.67
N VAL B 55 8.57 0.64 39.93
CA VAL B 55 7.96 1.90 40.36
C VAL B 55 8.65 3.09 39.72
N ASP B 56 9.98 3.08 39.68
CA ASP B 56 10.66 4.19 39.00
C ASP B 56 10.21 4.25 37.55
N LEU B 57 10.07 3.09 36.94
CA LEU B 57 9.58 3.04 35.57
C LEU B 57 8.20 3.68 35.50
N LYS B 58 7.33 3.27 36.44
CA LYS B 58 5.97 3.81 36.46
C LYS B 58 5.94 5.33 36.64
N GLU B 59 6.86 5.85 37.45
CA GLU B 59 6.90 7.29 37.71
C GLU B 59 7.24 8.04 36.43
N LYS B 60 8.27 7.53 35.75
CA LYS B 60 8.66 8.11 34.48
C LYS B 60 7.45 8.15 33.54
N PHE B 61 6.78 7.01 33.49
CA PHE B 61 5.66 6.82 32.58
C PHE B 61 4.53 7.75 33.01
N LYS B 62 4.39 7.87 34.34
CA LYS B 62 3.38 8.82 34.82
C LYS B 62 3.70 10.19 34.23
N ARG B 63 4.97 10.55 34.28
CA ARG B 63 5.43 11.84 33.75
C ARG B 63 5.27 11.97 32.24
N ILE B 64 5.67 10.97 31.46
CA ILE B 64 5.40 11.06 30.02
C ILE B 64 3.91 11.28 29.75
N CYS B 65 3.02 10.56 30.45
CA CYS B 65 1.60 10.76 30.18
C CYS B 65 1.16 12.18 30.49
N GLU B 66 1.75 12.77 31.53
CA GLU B 66 1.48 14.16 31.86
C GLU B 66 1.72 15.09 30.68
N LYS B 67 2.87 14.91 30.04
CA LYS B 67 3.36 15.84 29.04
C LYS B 67 2.82 15.55 27.64
N THR B 68 1.97 14.55 27.52
CA THR B 68 1.41 14.27 26.20
C THR B 68 0.40 15.32 25.78
N ALA B 69 -0.24 15.98 26.75
CA ALA B 69 -1.33 16.89 26.44
C ALA B 69 -2.46 16.12 25.73
N ILE B 70 -2.57 14.86 26.11
CA ILE B 70 -3.66 13.99 25.76
C ILE B 70 -4.61 13.80 26.95
N LYS B 71 -5.90 14.07 26.74
CA LYS B 71 -6.87 13.89 27.82
C LYS B 71 -7.37 12.46 27.86
N LYS B 72 -7.57 11.87 26.68
CA LYS B 72 -8.15 10.54 26.63
C LYS B 72 -7.96 9.86 25.28
N ARG B 73 -8.07 8.55 25.27
CA ARG B 73 -8.00 7.74 24.06
C ARG B 73 -9.04 6.62 24.05
N TYR B 74 -9.47 6.25 22.85
CA TYR B 74 -10.33 5.11 22.58
C TYR B 74 -9.49 3.94 22.10
N LEU B 75 -9.62 2.78 22.73
CA LEU B 75 -8.75 1.65 22.41
C LEU B 75 -9.54 0.39 22.09
N ALA B 76 -9.29 -0.19 20.92
CA ALA B 76 -9.95 -1.46 20.59
C ALA B 76 -9.36 -2.56 21.47
N LEU B 77 -8.11 -2.41 21.86
CA LEU B 77 -7.47 -3.40 22.72
C LEU B 77 -8.10 -3.39 24.11
N THR B 78 -8.61 -4.53 24.59
CA THR B 78 -9.10 -4.43 25.96
C THR B 78 -8.31 -5.39 26.87
N GLU B 79 -8.56 -5.17 28.16
CA GLU B 79 -7.96 -5.87 29.27
C GLU B 79 -8.27 -7.36 29.24
N ASP B 80 -9.46 -7.73 28.77
CA ASP B 80 -9.76 -9.13 28.56
C ASP B 80 -8.85 -9.72 27.48
N TYR B 81 -8.66 -8.98 26.39
CA TYR B 81 -7.83 -9.45 25.27
C TYR B 81 -6.42 -9.74 25.77
N LEU B 82 -5.85 -8.87 26.60
CA LEU B 82 -4.49 -9.02 27.11
C LEU B 82 -4.35 -10.23 28.03
N GLN B 83 -5.40 -10.50 28.77
CA GLN B 83 -5.50 -11.67 29.63
C GLN B 83 -5.42 -12.96 28.83
N GLU B 84 -6.17 -13.01 27.74
CA GLU B 84 -6.27 -14.17 26.87
C GLU B 84 -5.00 -14.37 26.04
N ASN B 85 -4.25 -13.30 25.85
CA ASN B 85 -3.08 -13.23 24.97
C ASN B 85 -1.93 -12.49 25.67
N PRO B 86 -1.47 -13.12 26.76
CA PRO B 86 -0.58 -12.50 27.75
C PRO B 86 0.82 -12.16 27.22
N THR B 87 1.19 -12.90 26.19
CA THR B 87 2.45 -12.73 25.49
C THR B 87 2.56 -11.37 24.83
N MET B 88 1.44 -10.73 24.49
CA MET B 88 1.44 -9.34 24.07
C MET B 88 2.01 -8.41 25.15
N CYS B 89 2.05 -8.88 26.39
CA CYS B 89 2.61 -8.12 27.50
C CYS B 89 4.08 -8.45 27.76
N GLU B 90 4.52 -9.63 27.34
CA GLU B 90 5.91 -10.03 27.42
C GLU B 90 6.73 -9.25 26.40
N PHE B 91 7.95 -8.83 26.74
CA PHE B 91 8.55 -8.00 25.68
C PHE B 91 8.96 -8.83 24.49
N MET B 92 9.80 -9.86 24.64
CA MET B 92 10.15 -10.50 23.34
C MET B 92 9.49 -11.86 23.20
N ALA B 93 8.23 -11.95 23.64
CA ALA B 93 7.49 -13.19 23.36
C ALA B 93 6.74 -12.97 22.05
N PRO B 94 6.57 -14.03 21.27
CA PRO B 94 5.89 -13.88 19.97
C PRO B 94 4.42 -13.55 20.23
N SER B 95 3.86 -12.53 19.59
CA SER B 95 2.50 -12.09 19.86
C SER B 95 1.85 -11.51 18.60
N LEU B 96 2.49 -11.68 17.44
CA LEU B 96 1.92 -11.09 16.25
C LEU B 96 0.56 -11.69 15.90
N ASN B 97 0.43 -13.00 16.11
CA ASN B 97 -0.78 -13.71 15.70
C ASN B 97 -2.02 -13.24 16.46
N ALA B 98 -1.88 -12.96 17.74
CA ALA B 98 -2.92 -12.37 18.57
C ALA B 98 -3.24 -10.96 18.08
N ARG B 99 -2.19 -10.21 17.75
CA ARG B 99 -2.39 -8.84 17.28
C ARG B 99 -3.08 -8.84 15.93
N GLN B 100 -2.61 -9.70 15.03
CA GLN B 100 -3.29 -9.82 13.75
C GLN B 100 -4.76 -10.20 13.95
N ASP B 101 -5.03 -11.19 14.82
CA ASP B 101 -6.41 -11.65 15.02
C ASP B 101 -7.33 -10.48 15.34
N LEU B 102 -6.89 -9.57 16.21
CA LEU B 102 -7.64 -8.37 16.49
C LEU B 102 -7.74 -7.40 15.32
N VAL B 103 -6.63 -7.01 14.72
CA VAL B 103 -6.70 -5.88 13.80
C VAL B 103 -7.11 -6.28 12.40
N VAL B 104 -6.94 -7.56 12.06
CA VAL B 104 -7.27 -7.87 10.66
C VAL B 104 -8.78 -7.78 10.50
N THR B 105 -9.48 -7.99 11.60
CA THR B 105 -10.94 -7.87 11.64
C THR B 105 -11.37 -6.46 12.03
N GLY B 106 -10.80 -5.95 13.11
CA GLY B 106 -11.10 -4.68 13.71
C GLY B 106 -10.89 -3.47 12.84
N VAL B 107 -9.82 -3.44 12.06
CA VAL B 107 -9.50 -2.26 11.26
C VAL B 107 -10.54 -1.99 10.20
N PRO B 108 -10.91 -2.95 9.35
CA PRO B 108 -11.99 -2.64 8.39
C PRO B 108 -13.35 -2.44 9.06
N MET B 109 -13.65 -3.04 10.21
CA MET B 109 -14.94 -2.83 10.87
C MET B 109 -15.03 -1.40 11.40
N LEU B 110 -13.96 -0.96 12.07
CA LEU B 110 -13.88 0.43 12.52
C LEU B 110 -13.97 1.35 11.31
N GLY B 111 -13.31 1.00 10.20
CA GLY B 111 -13.36 1.81 9.01
C GLY B 111 -14.73 1.90 8.38
N LYS B 112 -15.46 0.80 8.38
CA LYS B 112 -16.83 0.79 7.87
C LYS B 112 -17.70 1.76 8.67
N GLU B 113 -17.47 1.77 9.98
CA GLU B 113 -18.23 2.68 10.85
C GLU B 113 -17.99 4.13 10.44
N ALA B 114 -16.73 4.50 10.21
CA ALA B 114 -16.50 5.89 9.81
C ALA B 114 -17.11 6.13 8.44
N ALA B 115 -17.03 5.13 7.56
CA ALA B 115 -17.48 5.29 6.18
C ALA B 115 -18.99 5.48 6.05
N VAL B 116 -19.74 4.78 6.89
CA VAL B 116 -21.20 4.93 6.88
C VAL B 116 -21.58 6.37 7.16
N LYS B 117 -20.87 6.95 8.13
CA LYS B 117 -21.16 8.33 8.48
C LYS B 117 -20.83 9.28 7.33
N ALA B 118 -19.69 9.10 6.67
CA ALA B 118 -19.37 9.92 5.52
C ALA B 118 -20.39 9.74 4.40
N ILE B 119 -20.71 8.47 4.12
CA ILE B 119 -21.66 8.21 3.03
C ILE B 119 -23.00 8.85 3.36
N ASP B 120 -23.40 8.71 4.62
CA ASP B 120 -24.66 9.34 5.03
C ASP B 120 -24.56 10.86 4.91
N GLU B 121 -23.43 11.44 5.31
CA GLU B 121 -23.37 12.90 5.20
C GLU B 121 -23.46 13.30 3.73
N TRP B 122 -22.67 12.62 2.89
CA TRP B 122 -22.71 12.81 1.45
C TRP B 122 -24.12 12.69 0.89
N GLY B 123 -24.81 11.59 1.17
CA GLY B 123 -26.24 11.55 0.93
C GLY B 123 -26.61 10.90 -0.38
N LEU B 124 -25.60 10.69 -1.22
CA LEU B 124 -25.79 10.08 -2.53
C LEU B 124 -25.65 8.58 -2.45
N PRO B 125 -26.16 7.86 -3.45
CA PRO B 125 -26.08 6.40 -3.41
C PRO B 125 -24.65 5.88 -3.48
N LYS B 126 -24.32 4.92 -2.62
CA LYS B 126 -22.98 4.37 -2.56
C LYS B 126 -22.53 3.72 -3.87
N SER B 127 -23.46 3.46 -4.78
CA SER B 127 -23.08 2.90 -6.07
C SER B 127 -22.29 3.92 -6.89
N LYS B 128 -22.31 5.17 -6.48
CA LYS B 128 -21.59 6.22 -7.19
C LYS B 128 -20.13 6.34 -6.76
N ILE B 129 -19.76 5.64 -5.68
CA ILE B 129 -18.37 5.56 -5.24
C ILE B 129 -17.57 4.67 -6.19
N THR B 130 -16.62 5.28 -6.91
CA THR B 130 -15.92 4.61 -8.00
C THR B 130 -14.54 4.12 -7.58
N HIS B 131 -14.01 4.74 -6.54
CA HIS B 131 -12.67 4.49 -6.05
C HIS B 131 -12.67 4.43 -4.52
N LEU B 132 -11.99 3.45 -3.97
CA LEU B 132 -11.74 3.23 -2.56
C LEU B 132 -10.24 3.34 -2.28
N ILE B 133 -9.85 4.19 -1.36
CA ILE B 133 -8.52 4.20 -0.77
C ILE B 133 -8.61 3.73 0.68
N PHE B 134 -8.06 2.55 0.98
CA PHE B 134 -7.99 2.07 2.34
C PHE B 134 -6.55 2.27 2.87
N CYS B 135 -6.47 2.90 4.03
CA CYS B 135 -5.18 3.20 4.65
C CYS B 135 -5.16 2.83 6.14
N THR B 136 -4.12 2.09 6.53
CA THR B 136 -3.87 1.70 7.91
C THR B 136 -2.39 1.49 8.19
N THR B 137 -2.00 1.43 9.46
CA THR B 137 -0.65 1.07 9.86
C THR B 137 -0.71 -0.17 10.77
N ALA B 138 -1.92 -0.73 10.88
CA ALA B 138 -2.20 -1.83 11.79
C ALA B 138 -2.58 -3.14 11.11
N GLY B 139 -1.60 -4.01 10.91
CA GLY B 139 -1.76 -5.32 10.31
C GLY B 139 -1.87 -5.35 8.81
N VAL B 140 -1.84 -6.57 8.26
CA VAL B 140 -1.99 -6.85 6.85
C VAL B 140 -2.69 -8.20 6.66
N ASP B 141 -3.30 -8.41 5.49
CA ASP B 141 -3.95 -9.66 5.18
C ASP B 141 -4.23 -9.73 3.68
N MET B 142 -4.44 -10.93 3.17
CA MET B 142 -4.82 -11.13 1.77
C MET B 142 -6.06 -12.03 1.76
N PRO B 143 -7.20 -11.60 1.25
CA PRO B 143 -7.51 -10.30 0.68
C PRO B 143 -7.45 -9.19 1.74
N GLY B 144 -7.22 -7.97 1.27
CA GLY B 144 -6.96 -6.81 2.07
C GLY B 144 -8.14 -6.24 2.81
N ALA B 145 -7.83 -5.31 3.71
CA ALA B 145 -8.84 -4.56 4.44
C ALA B 145 -9.73 -3.81 3.46
N ASP B 146 -9.24 -3.52 2.26
CA ASP B 146 -10.05 -2.88 1.23
C ASP B 146 -11.15 -3.81 0.74
N TYR B 147 -10.77 -5.08 0.53
CA TYR B 147 -11.76 -6.08 0.14
C TYR B 147 -12.84 -6.17 1.21
N GLN B 148 -12.42 -6.33 2.47
CA GLN B 148 -13.44 -6.48 3.51
C GLN B 148 -14.36 -5.26 3.57
N LEU B 149 -13.83 -4.05 3.37
CA LEU B 149 -14.65 -2.84 3.40
C LEU B 149 -15.67 -2.85 2.28
N VAL B 150 -15.29 -3.27 1.07
CA VAL B 150 -16.32 -3.26 0.02
C VAL B 150 -17.44 -4.24 0.37
N LYS B 151 -17.04 -5.38 0.91
CA LYS B 151 -18.03 -6.37 1.36
C LYS B 151 -18.91 -5.75 2.45
N LEU B 152 -18.30 -5.21 3.50
CA LEU B 152 -19.01 -4.67 4.65
C LEU B 152 -20.03 -3.62 4.24
N LEU B 153 -19.65 -2.85 3.23
CA LEU B 153 -20.41 -1.70 2.80
C LEU B 153 -21.35 -1.98 1.63
N GLY B 154 -21.10 -3.07 0.91
CA GLY B 154 -21.85 -3.34 -0.31
C GLY B 154 -21.47 -2.38 -1.42
N LEU B 155 -20.19 -2.06 -1.55
CA LEU B 155 -19.81 -1.16 -2.66
C LEU B 155 -19.80 -1.96 -3.95
N SER B 156 -19.73 -1.29 -5.09
CA SER B 156 -19.68 -2.04 -6.36
C SER B 156 -18.52 -3.02 -6.35
N PRO B 157 -18.67 -4.22 -6.90
CA PRO B 157 -17.55 -5.17 -6.98
C PRO B 157 -16.45 -4.66 -7.91
N SER B 158 -16.82 -3.68 -8.73
CA SER B 158 -15.92 -3.10 -9.70
C SER B 158 -15.34 -1.76 -9.26
N VAL B 159 -15.48 -1.39 -7.99
CA VAL B 159 -14.81 -0.19 -7.48
C VAL B 159 -13.30 -0.39 -7.55
N LYS B 160 -12.56 0.64 -7.95
CA LYS B 160 -11.11 0.56 -8.04
C LYS B 160 -10.48 0.79 -6.68
N ARG B 161 -9.66 -0.13 -6.19
CA ARG B 161 -9.11 0.01 -4.85
C ARG B 161 -7.60 0.22 -4.82
N TYR B 162 -7.22 0.93 -3.77
CA TYR B 162 -5.88 1.37 -3.39
C TYR B 162 -5.66 0.94 -1.94
N MET B 163 -4.98 -0.21 -1.81
CA MET B 163 -4.73 -0.77 -0.48
C MET B 163 -3.37 -0.32 0.04
N LEU B 164 -3.41 0.68 0.90
CA LEU B 164 -2.28 1.30 1.56
C LEU B 164 -2.02 0.69 2.93
N TYR B 165 -1.07 -0.23 2.99
CA TYR B 165 -0.68 -0.88 4.24
C TYR B 165 0.62 -0.26 4.78
N GLN B 166 0.82 -0.39 6.09
CA GLN B 166 2.01 0.02 6.83
C GLN B 166 2.39 1.46 6.54
N GLN B 167 1.46 2.40 6.65
CA GLN B 167 1.67 3.73 6.09
C GLN B 167 2.19 4.73 7.09
N GLY B 168 1.72 4.72 8.33
CA GLY B 168 2.23 5.63 9.35
C GLY B 168 1.65 7.02 9.31
N CSD B 169 2.20 7.89 10.17
CA CSD B 169 1.91 9.11 10.51
CB CSD B 169 2.35 9.52 11.56
SG CSD B 169 2.20 8.85 13.28
C CSD B 169 1.85 10.15 9.52
O CSD B 169 1.25 11.28 9.74
OD1 CSD B 169 2.96 7.71 13.42
OD2 CSD B 169 2.80 10.09 14.66
N ALA B 170 2.36 9.97 8.30
CA ALA B 170 2.16 11.05 7.33
C ALA B 170 1.06 10.68 6.35
N ALA B 171 0.45 9.51 6.50
CA ALA B 171 -0.43 8.99 5.46
C ALA B 171 -1.78 9.68 5.42
N GLY B 172 -2.12 10.51 6.40
CA GLY B 172 -3.34 11.29 6.22
C GLY B 172 -3.18 12.25 5.06
N GLY B 173 -1.95 12.72 4.84
CA GLY B 173 -1.73 13.54 3.67
C GLY B 173 -1.55 12.66 2.44
N THR B 174 -0.99 11.48 2.60
CA THR B 174 -0.88 10.52 1.50
C THR B 174 -2.26 10.28 0.88
N VAL B 175 -3.28 10.02 1.70
CA VAL B 175 -4.56 9.68 1.05
C VAL B 175 -5.18 10.85 0.31
N LEU B 176 -4.97 12.09 0.75
CA LEU B 176 -5.50 13.23 -0.01
C LEU B 176 -4.76 13.43 -1.32
N ARG B 177 -3.44 13.34 -1.26
CA ARG B 177 -2.60 13.45 -2.46
C ARG B 177 -2.98 12.39 -3.48
N LEU B 178 -3.22 11.14 -3.07
CA LEU B 178 -3.67 10.15 -4.07
C LEU B 178 -5.11 10.43 -4.53
N ALA B 179 -6.03 10.74 -3.61
CA ALA B 179 -7.42 11.05 -3.98
C ALA B 179 -7.55 12.15 -5.01
N LYS B 180 -6.74 13.20 -4.84
CA LYS B 180 -6.71 14.33 -5.76
C LYS B 180 -6.52 13.85 -7.19
N ASP B 181 -5.50 13.01 -7.42
CA ASP B 181 -5.22 12.62 -8.79
C ASP B 181 -6.31 11.69 -9.32
N LEU B 182 -6.85 10.86 -8.44
CA LEU B 182 -7.92 9.95 -8.82
C LEU B 182 -9.16 10.74 -9.25
N ALA B 183 -9.58 11.64 -8.36
CA ALA B 183 -10.79 12.41 -8.62
C ALA B 183 -10.64 13.26 -9.89
N GLU B 184 -9.48 13.92 -10.02
CA GLU B 184 -9.29 14.85 -11.13
C GLU B 184 -9.09 14.15 -12.46
N ASN B 185 -8.48 12.97 -12.47
CA ASN B 185 -8.30 12.37 -13.80
C ASN B 185 -9.52 11.58 -14.24
N ASN B 186 -10.47 11.32 -13.34
CA ASN B 186 -11.61 10.48 -13.75
C ASN B 186 -12.90 11.26 -13.64
N LYS B 187 -13.42 11.72 -14.77
CA LYS B 187 -14.63 12.56 -14.79
C LYS B 187 -15.76 11.83 -14.07
N GLY B 188 -16.41 12.48 -13.12
CA GLY B 188 -17.55 11.96 -12.40
C GLY B 188 -17.20 10.93 -11.35
N SER B 189 -15.91 10.74 -11.16
CA SER B 189 -15.42 9.82 -10.14
C SER B 189 -15.75 10.36 -8.75
N ARG B 190 -16.01 9.43 -7.83
CA ARG B 190 -16.23 9.82 -6.43
C ARG B 190 -15.40 8.87 -5.58
N VAL B 191 -14.44 9.43 -4.84
CA VAL B 191 -13.48 8.62 -4.10
C VAL B 191 -13.83 8.53 -2.62
N LEU B 192 -13.92 7.30 -2.12
CA LEU B 192 -13.97 7.07 -0.68
C LEU B 192 -12.58 6.75 -0.12
N ILE B 193 -12.18 7.54 0.84
CA ILE B 193 -10.97 7.40 1.61
C ILE B 193 -11.34 6.83 2.98
N VAL B 194 -10.63 5.79 3.40
CA VAL B 194 -10.81 5.36 4.78
C VAL B 194 -9.43 5.17 5.39
N CYS B 195 -9.14 5.94 6.44
CA CYS B 195 -7.95 5.64 7.24
C CYS B 195 -8.48 5.02 8.54
N SER B 196 -8.00 3.84 8.84
CA SER B 196 -8.43 3.18 10.05
C SER B 196 -7.24 2.61 10.80
N GLU B 197 -7.09 3.06 12.04
CA GLU B 197 -5.92 2.71 12.83
C GLU B 197 -6.28 2.06 14.16
N ILE B 198 -5.74 0.88 14.43
CA ILE B 198 -5.86 0.28 15.77
C ILE B 198 -4.47 -0.02 16.33
N THR B 199 -4.12 0.64 17.43
CA THR B 199 -2.76 0.67 17.96
C THR B 199 -2.38 -0.58 18.76
N ALA B 200 -3.26 -1.58 18.79
CA ALA B 200 -2.96 -2.86 19.41
C ALA B 200 -1.70 -3.47 18.80
N ILE B 201 -1.48 -3.16 17.53
CA ILE B 201 -0.31 -3.69 16.83
C ILE B 201 0.98 -3.31 17.55
N LEU B 202 1.01 -2.18 18.26
CA LEU B 202 2.27 -1.68 18.85
C LEU B 202 2.21 -1.61 20.37
N PHE B 203 1.24 -2.30 20.97
CA PHE B 203 1.19 -2.42 22.43
C PHE B 203 2.35 -3.28 22.92
N HIS B 204 3.02 -2.79 23.96
CA HIS B 204 4.14 -3.52 24.53
C HIS B 204 4.19 -3.27 26.04
N GLY B 205 4.64 -4.26 26.80
CA GLY B 205 4.79 -4.04 28.24
C GLY B 205 5.93 -3.07 28.52
N PRO B 206 6.07 -2.53 29.72
CA PRO B 206 7.22 -1.66 30.00
C PRO B 206 8.51 -2.46 30.11
N ASN B 207 9.57 -1.93 29.51
CA ASN B 207 10.90 -2.50 29.64
C ASN B 207 11.89 -1.42 30.09
N GLU B 208 12.52 -1.62 31.24
CA GLU B 208 13.55 -0.72 31.73
C GLU B 208 14.59 -0.51 30.63
N ASN B 209 15.30 -1.61 30.36
CA ASN B 209 16.14 -1.68 29.18
C ASN B 209 15.24 -1.63 27.94
N HIS B 210 15.68 -0.92 26.89
CA HIS B 210 14.80 -0.86 25.72
C HIS B 210 13.52 -0.15 26.10
N LEU B 211 13.67 1.12 26.50
CA LEU B 211 12.50 1.88 26.91
C LEU B 211 11.66 2.33 25.71
N ASP B 212 12.27 2.26 24.53
CA ASP B 212 11.81 2.74 23.23
C ASP B 212 10.30 2.85 23.08
N SER B 213 9.64 1.69 23.04
CA SER B 213 8.20 1.70 22.83
C SER B 213 7.45 2.24 24.05
N LEU B 214 8.11 2.72 25.10
CA LEU B 214 7.36 3.16 26.27
C LEU B 214 6.64 4.48 26.02
N VAL B 215 7.22 5.36 25.21
CA VAL B 215 6.48 6.58 24.90
C VAL B 215 5.32 6.35 23.93
N ALA B 216 5.40 5.28 23.14
CA ALA B 216 4.34 4.86 22.25
C ALA B 216 3.07 4.46 23.02
N GLN B 217 3.24 3.87 24.20
CA GLN B 217 2.11 3.45 25.03
C GLN B 217 1.29 4.63 25.53
N ALA B 218 1.91 5.81 25.58
CA ALA B 218 1.24 6.98 26.11
C ALA B 218 0.63 7.83 24.99
N LEU B 219 1.12 7.63 23.78
CA LEU B 219 0.88 8.53 22.66
C LEU B 219 -0.27 8.18 21.72
N PHE B 220 -0.38 6.93 21.29
CA PHE B 220 -1.28 6.59 20.20
C PHE B 220 -2.67 6.15 20.66
N GLY B 221 -3.67 6.58 19.87
CA GLY B 221 -5.06 6.21 20.11
C GLY B 221 -5.65 5.59 18.85
N ASP B 222 -6.85 5.05 18.99
CA ASP B 222 -7.55 4.35 17.92
C ASP B 222 -8.66 5.21 17.31
N GLY B 223 -8.84 5.00 16.01
CA GLY B 223 -9.91 5.63 15.26
C GLY B 223 -9.83 5.47 13.76
N ALA B 224 -10.87 5.92 13.08
CA ALA B 224 -10.99 5.94 11.63
C ALA B 224 -11.71 7.20 11.17
N ALA B 225 -11.25 7.69 10.03
CA ALA B 225 -11.83 8.87 9.41
C ALA B 225 -12.21 8.47 7.99
N ALA B 226 -13.35 8.90 7.48
CA ALA B 226 -13.66 8.57 6.09
C ALA B 226 -14.04 9.85 5.36
N LEU B 227 -13.68 9.87 4.08
CA LEU B 227 -13.91 11.08 3.30
C LEU B 227 -14.54 10.70 1.98
N ILE B 228 -15.38 11.61 1.47
CA ILE B 228 -15.81 11.48 0.09
C ILE B 228 -15.11 12.60 -0.67
N VAL B 229 -14.45 12.29 -1.77
CA VAL B 229 -13.75 13.34 -2.53
C VAL B 229 -14.15 13.29 -3.98
N GLY B 230 -14.35 14.46 -4.61
CA GLY B 230 -14.71 14.45 -6.02
C GLY B 230 -14.41 15.78 -6.68
N SER B 231 -14.23 15.76 -8.00
CA SER B 231 -14.16 16.96 -8.81
C SER B 231 -15.53 17.34 -9.36
N GLY B 232 -15.76 18.63 -9.58
CA GLY B 232 -17.06 19.05 -10.10
C GLY B 232 -18.23 18.64 -9.24
N PRO B 233 -18.28 19.14 -8.02
CA PRO B 233 -19.42 18.84 -7.14
C PRO B 233 -20.76 19.27 -7.74
N HIS B 234 -21.79 18.46 -7.49
CA HIS B 234 -23.11 18.86 -7.96
C HIS B 234 -23.80 19.69 -6.89
N LEU B 235 -23.56 20.99 -6.99
CA LEU B 235 -24.11 22.01 -6.12
C LEU B 235 -25.61 22.19 -6.40
N ALA B 236 -26.33 21.41 -5.65
CA ALA B 236 -27.72 21.34 -5.29
C ALA B 236 -27.82 20.30 -4.17
N VAL B 237 -27.09 19.21 -4.42
CA VAL B 237 -27.13 18.04 -3.56
C VAL B 237 -25.78 17.69 -2.96
N GLU B 238 -24.69 18.31 -3.42
CA GLU B 238 -23.38 18.03 -2.83
C GLU B 238 -22.86 19.25 -2.10
N ARG B 239 -22.19 19.07 -0.96
CA ARG B 239 -21.71 20.27 -0.23
C ARG B 239 -20.20 20.25 -0.02
N PRO B 240 -19.52 21.02 -0.87
CA PRO B 240 -18.08 21.22 -0.76
C PRO B 240 -17.66 21.65 0.63
N ILE B 241 -16.58 21.06 1.13
CA ILE B 241 -16.07 21.45 2.45
C ILE B 241 -14.69 22.10 2.27
N PHE B 242 -13.79 21.47 1.51
CA PHE B 242 -12.50 22.05 1.21
C PHE B 242 -12.09 21.61 -0.19
N GLU B 243 -11.40 22.47 -0.92
CA GLU B 243 -10.74 22.06 -2.15
C GLU B 243 -9.28 21.66 -1.89
N ILE B 244 -8.82 20.59 -2.52
N ILE B 244 -8.83 20.60 -2.53
CA ILE B 244 -7.40 20.22 -2.35
CA ILE B 244 -7.42 20.20 -2.39
C ILE B 244 -6.60 20.85 -3.49
C ILE B 244 -6.65 20.90 -3.53
N VAL B 245 -5.89 21.92 -3.15
CA VAL B 245 -5.16 22.74 -4.11
C VAL B 245 -3.87 22.09 -4.59
N SER B 246 -3.06 21.69 -3.62
CA SER B 246 -1.74 21.15 -3.96
C SER B 246 -1.28 20.21 -2.84
N THR B 247 -0.44 19.26 -3.23
CA THR B 247 0.14 18.27 -2.36
C THR B 247 1.63 18.15 -2.64
N ASP B 248 2.44 18.07 -1.58
CA ASP B 248 3.86 17.84 -1.73
C ASP B 248 4.29 16.74 -0.76
N GLN B 249 5.27 15.96 -1.16
CA GLN B 249 5.91 14.96 -0.31
C GLN B 249 7.43 15.09 -0.41
N THR B 250 8.08 15.18 0.75
CA THR B 250 9.54 15.28 0.75
C THR B 250 10.13 14.56 1.96
N ILE B 251 11.30 14.01 1.74
CA ILE B 251 12.14 13.40 2.77
C ILE B 251 13.06 14.45 3.35
N LEU B 252 13.03 14.64 4.67
N LEU B 252 13.02 14.65 4.67
CA LEU B 252 13.89 15.62 5.33
CA LEU B 252 13.89 15.66 5.27
C LEU B 252 15.33 15.12 5.35
C LEU B 252 15.32 15.13 5.35
N PRO B 253 16.29 15.95 4.96
CA PRO B 253 17.68 15.48 4.87
C PRO B 253 18.20 15.00 6.23
N ASP B 254 18.84 13.83 6.16
CA ASP B 254 19.59 13.35 7.30
C ASP B 254 18.74 13.01 8.50
N THR B 255 17.49 12.59 8.25
CA THR B 255 16.62 12.28 9.38
C THR B 255 16.15 10.84 9.39
N GLU B 256 16.84 9.94 8.70
CA GLU B 256 16.43 8.54 8.66
C GLU B 256 16.26 7.95 10.06
N LYS B 257 16.98 8.45 11.04
CA LYS B 257 16.96 7.95 12.41
C LYS B 257 15.71 8.33 13.21
N ALA B 258 14.99 9.34 12.76
CA ALA B 258 13.80 9.87 13.38
C ALA B 258 12.86 8.81 13.95
N MET B 259 12.34 7.95 13.08
CA MET B 259 11.39 6.91 13.45
C MET B 259 11.56 5.64 12.63
N LYS B 260 11.61 4.53 13.38
CA LYS B 260 11.69 3.22 12.77
C LYS B 260 10.70 2.30 13.48
N LEU B 261 9.96 1.57 12.67
CA LEU B 261 8.98 0.61 13.17
C LEU B 261 9.07 -0.64 12.30
N HIS B 262 9.40 -1.76 12.91
CA HIS B 262 9.55 -3.05 12.26
C HIS B 262 8.41 -3.99 12.68
N LEU B 263 7.86 -4.73 11.73
CA LEU B 263 6.85 -5.75 12.01
C LEU B 263 7.52 -7.11 12.23
N ARG B 264 7.58 -7.52 13.49
CA ARG B 264 8.24 -8.72 13.95
C ARG B 264 7.27 -9.66 14.67
N GLU B 265 7.80 -10.81 15.05
CA GLU B 265 7.10 -11.88 15.74
C GLU B 265 6.40 -11.38 17.00
N GLY B 266 6.97 -10.39 17.65
CA GLY B 266 6.52 -9.77 18.87
C GLY B 266 5.66 -8.54 18.65
N GLY B 267 5.32 -8.30 17.39
CA GLY B 267 4.48 -7.18 17.02
C GLY B 267 5.24 -6.07 16.33
N LEU B 268 4.55 -4.94 16.19
CA LEU B 268 5.04 -3.71 15.59
C LEU B 268 5.92 -2.98 16.61
N THR B 269 7.18 -2.94 16.19
CA THR B 269 8.24 -2.37 17.05
C THR B 269 8.25 -0.88 16.96
N PHE B 270 8.89 -0.12 17.84
CA PHE B 270 8.78 1.33 17.71
C PHE B 270 10.01 2.07 18.20
N GLN B 271 10.79 2.75 17.36
CA GLN B 271 11.88 3.62 17.82
C GLN B 271 11.61 5.06 17.35
N LEU B 272 11.62 5.97 18.30
CA LEU B 272 11.35 7.38 18.04
C LEU B 272 12.53 8.22 18.52
N HIS B 273 13.13 8.95 17.58
CA HIS B 273 14.27 9.77 18.00
C HIS B 273 13.76 10.98 18.75
N ARG B 274 14.45 11.26 19.85
N ARG B 274 14.47 11.28 19.82
CA ARG B 274 14.10 12.34 20.78
CA ARG B 274 14.17 12.30 20.82
C ARG B 274 14.11 13.70 20.11
C ARG B 274 14.32 13.71 20.23
N ASP B 275 14.95 13.88 19.08
CA ASP B 275 15.05 15.21 18.47
C ASP B 275 14.16 15.39 17.24
N VAL B 276 13.24 14.45 17.00
CA VAL B 276 12.25 14.59 15.93
C VAL B 276 11.66 16.00 15.89
N PRO B 277 11.18 16.57 16.98
CA PRO B 277 10.62 17.93 16.89
C PRO B 277 11.62 18.94 16.33
N LEU B 278 12.89 18.76 16.68
CA LEU B 278 13.92 19.66 16.16
C LEU B 278 14.16 19.41 14.69
N MET B 279 13.98 18.16 14.25
CA MET B 279 14.06 17.86 12.82
C MET B 279 12.94 18.52 12.03
N VAL B 280 11.77 18.57 12.68
CA VAL B 280 10.65 19.31 12.10
C VAL B 280 10.96 20.81 12.14
N ALA B 281 11.39 21.37 13.27
CA ALA B 281 11.73 22.80 13.33
C ALA B 281 12.70 23.24 12.24
N LYS B 282 13.68 22.37 11.94
CA LYS B 282 14.69 22.75 10.97
C LYS B 282 14.14 22.80 9.55
N ASN B 283 13.12 21.99 9.24
CA ASN B 283 12.67 21.94 7.85
C ASN B 283 11.30 22.55 7.56
N ILE B 284 10.55 22.96 8.55
CA ILE B 284 9.12 23.21 8.30
C ILE B 284 8.86 24.51 7.57
N GLU B 285 9.65 25.57 7.78
CA GLU B 285 9.37 26.76 6.97
C GLU B 285 9.59 26.47 5.49
N ASN B 286 10.59 25.64 5.18
CA ASN B 286 10.83 25.34 3.76
C ASN B 286 9.58 24.73 3.13
N ALA B 287 8.95 23.80 3.85
CA ALA B 287 7.72 23.15 3.37
C ALA B 287 6.59 24.18 3.22
N ALA B 288 6.38 25.03 4.20
CA ALA B 288 5.42 26.12 4.18
C ALA B 288 5.62 27.03 2.97
N GLU B 289 6.84 27.55 2.82
CA GLU B 289 7.17 28.44 1.71
C GLU B 289 6.93 27.74 0.40
N LYS B 290 7.34 26.47 0.31
CA LYS B 290 7.20 25.79 -0.98
C LYS B 290 5.74 25.69 -1.41
N ALA B 291 4.86 25.64 -0.43
CA ALA B 291 3.44 25.41 -0.68
C ALA B 291 2.69 26.71 -0.90
N LEU B 292 3.02 27.72 -0.10
CA LEU B 292 2.26 28.98 -0.10
C LEU B 292 2.83 30.00 -1.07
N SER B 293 4.15 30.01 -1.21
CA SER B 293 4.79 30.95 -2.13
C SER B 293 4.15 30.90 -3.51
N PRO B 294 3.98 29.73 -4.11
CA PRO B 294 3.26 29.68 -5.39
C PRO B 294 1.89 30.34 -5.34
N LEU B 295 1.25 30.41 -4.16
CA LEU B 295 -0.06 31.03 -4.07
C LEU B 295 0.04 32.53 -3.81
N GLY B 296 1.25 33.01 -3.57
CA GLY B 296 1.44 34.43 -3.29
C GLY B 296 1.26 34.75 -1.82
N ILE B 297 1.30 33.73 -0.97
CA ILE B 297 1.13 34.02 0.45
C ILE B 297 2.45 33.99 1.21
N THR B 298 2.69 34.98 2.06
CA THR B 298 3.94 35.05 2.81
C THR B 298 3.68 35.13 4.31
N ASP B 299 2.47 35.56 4.64
CA ASP B 299 2.06 35.65 6.03
C ASP B 299 1.41 34.35 6.47
N TRP B 300 2.09 33.57 7.31
CA TRP B 300 1.60 32.27 7.76
C TRP B 300 0.32 32.42 8.57
N ASN B 301 0.15 33.61 9.16
CA ASN B 301 -1.02 33.79 10.01
C ASN B 301 -2.25 34.14 9.18
N SER B 302 -2.10 34.43 7.89
CA SER B 302 -3.25 34.65 7.01
C SER B 302 -3.90 33.35 6.56
N VAL B 303 -3.35 32.20 6.95
CA VAL B 303 -3.89 30.89 6.57
C VAL B 303 -4.18 30.05 7.81
N PHE B 304 -4.99 29.01 7.67
CA PHE B 304 -5.31 28.09 8.77
C PHE B 304 -4.40 26.86 8.69
N TRP B 305 -4.14 26.22 9.82
CA TRP B 305 -3.16 25.13 9.87
C TRP B 305 -3.77 23.86 10.43
N MET B 306 -3.49 22.73 9.78
CA MET B 306 -3.85 21.41 10.24
C MET B 306 -2.59 20.57 10.40
N VAL B 307 -2.12 20.43 11.64
CA VAL B 307 -0.84 19.79 11.85
C VAL B 307 -0.94 18.46 12.57
N HIS B 308 -0.43 17.41 11.92
CA HIS B 308 -0.42 16.11 12.57
C HIS B 308 0.28 16.19 13.91
N PRO B 309 -0.41 15.89 15.01
CA PRO B 309 0.21 16.01 16.33
C PRO B 309 0.99 14.75 16.73
N GLY B 310 2.15 14.53 16.11
CA GLY B 310 2.97 13.37 16.43
C GLY B 310 3.24 13.32 17.95
N GLY B 311 3.35 14.48 18.54
CA GLY B 311 3.45 14.79 19.94
C GLY B 311 3.23 16.28 20.18
N ARG B 312 3.04 16.68 21.44
CA ARG B 312 2.89 18.10 21.73
C ARG B 312 4.10 18.89 21.24
N ALA B 313 5.31 18.35 21.42
CA ALA B 313 6.50 19.14 21.10
C ALA B 313 6.57 19.50 19.62
N ILE B 314 6.10 18.57 18.79
CA ILE B 314 6.03 18.88 17.35
C ILE B 314 5.09 20.05 17.11
N LEU B 315 3.90 20.06 17.71
CA LEU B 315 3.01 21.21 17.55
C LEU B 315 3.65 22.51 18.02
N ASP B 316 4.32 22.49 19.16
CA ASP B 316 4.95 23.71 19.65
C ASP B 316 6.08 24.19 18.74
N GLN B 317 6.83 23.26 18.15
CA GLN B 317 7.93 23.67 17.28
C GLN B 317 7.41 24.33 16.02
N VAL B 318 6.39 23.68 15.44
CA VAL B 318 5.78 24.23 14.23
C VAL B 318 5.26 25.64 14.50
N GLU B 319 4.61 25.81 15.64
CA GLU B 319 4.05 27.07 16.08
C GLU B 319 5.14 28.13 16.23
N ARG B 320 6.24 27.70 16.85
CA ARG B 320 7.41 28.54 17.04
C ARG B 320 8.04 28.91 15.71
N LYS B 321 8.41 27.88 14.95
CA LYS B 321 9.14 28.16 13.71
C LYS B 321 8.25 28.90 12.73
N LEU B 322 6.93 28.74 12.74
CA LEU B 322 6.15 29.54 11.77
C LEU B 322 5.64 30.82 12.42
N ASN B 323 5.97 31.03 13.69
CA ASN B 323 5.53 32.22 14.42
C ASN B 323 4.02 32.37 14.43
N LEU B 324 3.35 31.25 14.71
CA LEU B 324 1.89 31.23 14.72
C LEU B 324 1.34 31.92 15.95
N LYS B 325 0.24 32.65 15.77
CA LYS B 325 -0.53 33.14 16.91
C LYS B 325 -0.94 31.98 17.79
N GLU B 326 -1.10 32.14 19.10
CA GLU B 326 -1.19 30.94 19.96
C GLU B 326 -2.53 30.23 19.84
N ASP B 327 -3.43 30.70 18.99
CA ASP B 327 -4.68 29.97 18.80
C ASP B 327 -4.67 29.19 17.49
N LYS B 328 -3.64 29.43 16.69
CA LYS B 328 -3.56 28.84 15.37
C LYS B 328 -3.68 27.31 15.37
N LEU B 329 -3.10 26.62 16.34
CA LEU B 329 -3.14 25.14 16.27
C LEU B 329 -4.18 24.55 17.20
N ARG B 330 -5.18 25.33 17.60
CA ARG B 330 -6.20 24.85 18.52
C ARG B 330 -6.87 23.57 18.05
N ALA B 331 -7.31 23.55 16.79
CA ALA B 331 -7.97 22.35 16.28
C ALA B 331 -7.09 21.12 16.36
N SER B 332 -5.79 21.27 16.09
CA SER B 332 -4.86 20.15 16.13
C SER B 332 -4.62 19.66 17.55
N ARG B 333 -4.45 20.62 18.45
CA ARG B 333 -4.24 20.38 19.88
C ARG B 333 -5.49 19.74 20.48
N HIS B 334 -6.62 20.15 19.92
CA HIS B 334 -7.93 19.65 20.30
C HIS B 334 -8.07 18.17 19.97
N VAL B 335 -7.65 17.74 18.77
CA VAL B 335 -7.94 16.30 18.59
C VAL B 335 -6.84 15.47 19.26
N LEU B 336 -5.62 16.00 19.41
CA LEU B 336 -4.64 15.28 20.22
C LEU B 336 -5.20 15.05 21.63
N SER B 337 -5.76 16.14 22.15
CA SER B 337 -6.35 16.09 23.49
C SER B 337 -7.45 15.05 23.62
N GLU B 338 -8.41 15.12 22.70
CA GLU B 338 -9.61 14.29 22.82
C GLU B 338 -9.38 12.86 22.35
N TYR B 339 -8.32 12.62 21.57
CA TYR B 339 -8.13 11.30 20.98
C TYR B 339 -6.72 10.72 21.05
N GLY B 340 -5.72 11.54 21.34
CA GLY B 340 -4.34 11.06 21.20
C GLY B 340 -3.95 11.12 19.73
N ASN B 341 -2.81 10.52 19.42
CA ASN B 341 -2.27 10.41 18.07
C ASN B 341 -2.95 9.26 17.33
N LEU B 342 -3.76 9.57 16.32
CA LEU B 342 -4.53 8.56 15.58
C LEU B 342 -3.82 8.13 14.29
N ILE B 343 -2.53 8.39 14.27
N ILE B 343 -2.51 8.37 14.28
CA ILE B 343 -1.55 8.23 13.20
CA ILE B 343 -1.65 8.01 13.16
C ILE B 343 -2.21 8.51 11.86
C ILE B 343 -2.27 8.53 11.87
N SER B 344 -2.47 7.68 10.87
CA SER B 344 -2.91 8.21 9.57
C SER B 344 -4.27 8.88 9.59
N ALA B 345 -5.16 8.59 10.54
CA ALA B 345 -6.48 9.20 10.54
C ALA B 345 -6.49 10.55 11.25
N CYS B 346 -5.42 10.84 11.99
CA CYS B 346 -5.41 12.01 12.86
C CYS B 346 -5.59 13.33 12.13
N VAL B 347 -4.91 13.66 11.03
CA VAL B 347 -5.15 14.96 10.40
C VAL B 347 -6.52 15.04 9.74
N LEU B 348 -7.09 13.89 9.40
CA LEU B 348 -8.46 13.89 8.86
C LEU B 348 -9.44 14.20 9.99
N PHE B 349 -9.21 13.66 11.18
CA PHE B 349 -9.99 14.16 12.31
C PHE B 349 -9.86 15.67 12.47
N ILE B 350 -8.67 16.22 12.19
CA ILE B 350 -8.46 17.64 12.45
C ILE B 350 -9.15 18.47 11.38
N ILE B 351 -9.14 17.97 10.14
CA ILE B 351 -9.93 18.64 9.10
C ILE B 351 -11.38 18.77 9.54
N ASP B 352 -11.97 17.69 10.08
CA ASP B 352 -13.37 17.69 10.49
C ASP B 352 -13.58 18.72 11.60
N GLU B 353 -12.62 18.73 12.53
CA GLU B 353 -12.59 19.62 13.67
C GLU B 353 -12.55 21.07 13.21
N VAL B 354 -11.70 21.44 12.25
CA VAL B 354 -11.75 22.87 11.94
C VAL B 354 -13.06 23.20 11.22
N ARG B 355 -13.53 22.30 10.37
CA ARG B 355 -14.75 22.60 9.61
C ARG B 355 -15.96 22.64 10.52
N LYS B 356 -15.98 21.80 11.55
CA LYS B 356 -17.15 21.81 12.42
C LYS B 356 -17.08 23.01 13.34
N ARG B 357 -15.89 23.28 13.88
N ARG B 357 -15.90 23.30 13.89
CA ARG B 357 -15.79 24.44 14.77
CA ARG B 357 -15.83 24.45 14.79
C ARG B 357 -16.09 25.74 14.03
C ARG B 357 -16.08 25.75 14.05
N SER B 358 -15.67 25.86 12.79
CA SER B 358 -15.95 27.09 12.04
C SER B 358 -17.44 27.28 11.77
N MET B 359 -18.18 26.19 11.56
CA MET B 359 -19.63 26.29 11.39
C MET B 359 -20.26 26.64 12.73
N ALA B 360 -19.82 25.95 13.78
CA ALA B 360 -20.31 26.27 15.12
C ALA B 360 -20.04 27.74 15.46
N GLU B 361 -18.86 28.26 15.10
CA GLU B 361 -18.57 29.64 15.49
C GLU B 361 -19.16 30.67 14.54
N GLY B 362 -19.81 30.26 13.46
CA GLY B 362 -20.33 31.23 12.53
C GLY B 362 -19.29 31.85 11.63
N LYS B 363 -18.15 31.20 11.40
CA LYS B 363 -17.15 31.76 10.50
C LYS B 363 -17.68 31.93 9.09
N SER B 364 -17.11 32.84 8.33
CA SER B 364 -17.47 33.17 6.96
C SER B 364 -17.04 32.09 5.97
N THR B 365 -16.12 31.26 6.44
CA THR B 365 -15.69 30.12 5.64
C THR B 365 -15.45 28.93 6.59
N THR B 366 -15.33 27.81 5.92
CA THR B 366 -15.13 26.49 6.51
C THR B 366 -13.74 26.32 7.07
N GLY B 367 -12.81 27.22 6.76
CA GLY B 367 -11.46 27.23 7.30
C GLY B 367 -11.14 28.37 8.25
N GLU B 368 -11.85 28.43 9.36
CA GLU B 368 -11.77 29.41 10.43
C GLU B 368 -11.93 30.83 9.88
N GLY B 369 -12.75 30.94 8.84
CA GLY B 369 -13.02 32.20 8.19
C GLY B 369 -11.92 32.65 7.26
N LEU B 370 -10.86 31.86 7.10
CA LEU B 370 -9.76 32.17 6.19
C LEU B 370 -9.94 31.48 4.84
N ASP B 371 -9.17 31.88 3.84
CA ASP B 371 -9.36 31.28 2.51
C ASP B 371 -8.43 30.10 2.23
N CYS B 372 -7.26 30.02 2.86
CA CYS B 372 -6.33 28.94 2.52
C CYS B 372 -5.75 28.38 3.81
N GLY B 373 -5.36 27.11 3.77
CA GLY B 373 -4.82 26.35 4.86
C GLY B 373 -3.80 25.31 4.40
N VAL B 374 -2.99 24.87 5.35
CA VAL B 374 -1.92 23.92 5.14
C VAL B 374 -2.05 22.81 6.20
N LEU B 375 -2.05 21.60 5.68
CA LEU B 375 -2.06 20.38 6.51
C LEU B 375 -0.67 19.76 6.36
N PHE B 376 -0.12 19.33 7.47
CA PHE B 376 1.10 18.57 7.57
C PHE B 376 0.89 17.18 8.17
N GLY B 377 1.49 16.20 7.51
CA GLY B 377 1.66 14.84 8.00
C GLY B 377 3.15 14.58 8.18
N PHE B 378 3.57 13.96 9.25
CA PHE B 378 4.96 13.60 9.48
C PHE B 378 5.14 12.10 9.64
N GLY B 379 6.00 11.43 8.86
CA GLY B 379 6.19 10.01 9.15
C GLY B 379 7.62 9.56 8.92
N PRO B 380 7.85 8.25 8.97
CA PRO B 380 9.21 7.71 8.83
C PRO B 380 9.88 8.29 7.59
N GLY B 381 11.19 8.47 7.64
CA GLY B 381 11.95 9.00 6.52
C GLY B 381 13.07 9.91 6.95
N MET B 382 12.78 10.97 7.66
CA MET B 382 11.47 11.47 8.02
C MET B 382 10.76 12.08 6.81
N THR B 383 9.47 11.78 6.69
CA THR B 383 8.71 12.30 5.56
C THR B 383 7.77 13.42 5.97
N VAL B 384 7.70 14.47 5.16
CA VAL B 384 6.68 15.50 5.39
C VAL B 384 5.71 15.51 4.21
N GLU B 385 4.43 15.51 4.54
CA GLU B 385 3.42 15.68 3.51
C GLU B 385 2.80 17.07 3.73
N THR B 386 2.72 17.84 2.67
CA THR B 386 2.18 19.20 2.76
C THR B 386 1.09 19.40 1.73
N VAL B 387 -0.14 19.51 2.23
CA VAL B 387 -1.32 19.63 1.39
C VAL B 387 -1.95 21.01 1.52
N VAL B 388 -2.11 21.72 0.40
CA VAL B 388 -2.80 23.01 0.55
C VAL B 388 -4.31 22.81 0.34
N LEU B 389 -5.06 23.32 1.31
CA LEU B 389 -6.52 23.25 1.27
C LEU B 389 -7.12 24.62 1.03
N ARG B 390 -8.10 24.72 0.14
CA ARG B 390 -8.82 25.99 0.02
C ARG B 390 -10.18 25.88 0.70
N SER B 391 -10.50 26.80 1.58
N SER B 391 -10.51 26.82 1.56
CA SER B 391 -11.80 26.76 2.28
CA SER B 391 -11.78 26.88 2.24
C SER B 391 -12.95 27.08 1.32
C SER B 391 -12.95 27.05 1.27
N VAL B 392 -14.17 26.91 1.82
CA VAL B 392 -15.39 27.14 1.08
C VAL B 392 -16.23 28.22 1.78
N ARG B 393 -16.85 29.06 1.00
CA ARG B 393 -17.78 30.13 1.28
C ARG B 393 -17.15 31.51 1.00
#